data_9R2V
#
_entry.id   9R2V
#
_cell.length_a   61.250
_cell.length_b   82.110
_cell.length_c   111.420
_cell.angle_alpha   90.000
_cell.angle_beta   92.454
_cell.angle_gamma   90.000
#
_symmetry.space_group_name_H-M   'P 1 21 1'
#
loop_
_entity.id
_entity.type
_entity.pdbx_description
1 polymer M16
2 non-polymer 'FORMIC ACID'
3 non-polymer 'CALCIUM ION'
4 non-polymer 2-AMINO-2-HYDROXYMETHYL-PROPANE-1,3-DIOL
5 water water
#
_entity_poly.entity_id   1
_entity_poly.type   'polypeptide(L)'
_entity_poly.pdbx_seq_one_letter_code
;MSESKKLIEEAKKEFDKQLAEGKKEIDIEIEYPKKKYDENYKEALEFIKLNSELRVEYVKKSREAGVEKLTIKTKVKLEP
TENSDHKLDYEYEEEMSKKALEKTDEKEYKEKLEKEYKKIEETVESNKDYEYEEEYEDKETGYKYKKKVEIKGGSGGSHH
HHHH
;
_entity_poly.pdbx_strand_id   A,B,C,D,E,F,G,H
#
# COMPACT_ATOMS: atom_id res chain seq x y z
N SER A 2 -7.78 13.46 -1.18
CA SER A 2 -8.28 13.55 0.19
C SER A 2 -7.30 12.94 1.18
N GLU A 3 -7.51 13.22 2.47
CA GLU A 3 -6.62 12.69 3.49
C GLU A 3 -6.80 11.19 3.65
N SER A 4 -8.03 10.70 3.53
CA SER A 4 -8.28 9.26 3.67
C SER A 4 -7.58 8.48 2.56
N LYS A 5 -7.65 8.96 1.33
CA LYS A 5 -6.98 8.28 0.22
C LYS A 5 -5.47 8.29 0.42
N LYS A 6 -4.92 9.38 0.95
CA LYS A 6 -3.49 9.45 1.21
C LYS A 6 -3.07 8.46 2.30
N LEU A 7 -3.85 8.39 3.38
CA LEU A 7 -3.59 7.40 4.42
C LEU A 7 -3.63 5.98 3.86
N ILE A 8 -4.62 5.70 3.02
CA ILE A 8 -4.74 4.37 2.44
C ILE A 8 -3.54 4.07 1.55
N GLU A 9 -3.07 5.07 0.80
CA GLU A 9 -1.91 4.87 -0.06
C GLU A 9 -0.64 4.61 0.75
N GLU A 10 -0.44 5.36 1.83
CA GLU A 10 0.72 5.12 2.68
C GLU A 10 0.66 3.74 3.32
N ALA A 11 -0.53 3.31 3.74
CA ALA A 11 -0.69 1.98 4.30
C ALA A 11 -0.40 0.90 3.28
N LYS A 12 -0.89 1.09 2.04
CA LYS A 12 -0.59 0.15 0.96
C LYS A 12 0.91 0.04 0.73
N LYS A 13 1.60 1.19 0.69
CA LYS A 13 3.03 1.16 0.42
C LYS A 13 3.80 0.49 1.56
N GLU A 14 3.40 0.75 2.81
CA GLU A 14 4.07 0.09 3.93
C GLU A 14 3.80 -1.41 3.92
N PHE A 15 2.58 -1.81 3.58
CA PHE A 15 2.25 -3.22 3.49
C PHE A 15 3.07 -3.92 2.41
N ASP A 16 3.21 -3.28 1.24
CA ASP A 16 4.02 -3.87 0.18
C ASP A 16 5.49 -3.91 0.55
N LYS A 17 5.98 -2.89 1.26
CA LYS A 17 7.37 -2.91 1.72
C LYS A 17 7.61 -4.05 2.70
N GLN A 18 6.68 -4.28 3.62
CA GLN A 18 6.84 -5.39 4.56
C GLN A 18 6.69 -6.74 3.86
N LEU A 19 5.90 -6.80 2.79
CA LEU A 19 5.79 -8.03 2.01
C LEU A 19 7.09 -8.33 1.28
N ALA A 20 7.69 -7.32 0.65
CA ALA A 20 8.92 -7.53 -0.10
C ALA A 20 10.07 -7.94 0.81
N GLU A 21 10.11 -7.39 2.02
CA GLU A 21 11.15 -7.76 2.98
C GLU A 21 10.99 -9.18 3.49
N GLY A 22 9.84 -9.81 3.26
CA GLY A 22 9.63 -11.20 3.64
C GLY A 22 9.31 -11.40 5.10
N LYS A 23 8.31 -10.68 5.61
CA LYS A 23 7.92 -10.78 7.00
C LYS A 23 6.84 -11.84 7.18
N LYS A 24 6.93 -12.57 8.29
CA LYS A 24 5.91 -13.55 8.65
C LYS A 24 4.88 -13.01 9.62
N GLU A 25 5.15 -11.88 10.28
CA GLU A 25 4.21 -11.23 11.17
C GLU A 25 4.06 -9.79 10.72
N ILE A 26 2.92 -9.47 10.12
CA ILE A 26 2.64 -8.14 9.59
C ILE A 26 1.53 -7.52 10.41
N ASP A 27 1.79 -6.35 10.99
CA ASP A 27 0.84 -5.64 11.83
C ASP A 27 0.60 -4.27 11.20
N ILE A 28 -0.54 -4.12 10.54
CA ILE A 28 -0.91 -2.88 9.85
C ILE A 28 -2.00 -2.21 10.67
N GLU A 29 -1.75 -0.96 11.08
CA GLU A 29 -2.71 -0.16 11.83
C GLU A 29 -2.92 1.15 11.12
N ILE A 30 -4.16 1.44 10.74
CA ILE A 30 -4.51 2.66 10.01
C ILE A 30 -5.52 3.41 10.86
N GLU A 31 -5.13 4.58 11.35
CA GLU A 31 -5.98 5.40 12.22
C GLU A 31 -6.26 6.72 11.51
N TYR A 32 -7.54 7.03 11.32
CA TYR A 32 -7.92 8.33 10.81
C TYR A 32 -7.60 9.40 11.85
N PRO A 33 -7.11 10.57 11.44
CA PRO A 33 -6.73 11.60 12.41
C PRO A 33 -7.91 12.02 13.29
N LYS A 34 -7.60 12.27 14.57
CA LYS A 34 -8.61 12.71 15.53
C LYS A 34 -9.23 14.04 15.08
N LYS A 35 -10.47 13.99 14.61
CA LYS A 35 -11.17 15.18 14.14
C LYS A 35 -12.57 15.22 14.74
N LYS A 36 -13.28 16.30 14.48
CA LYS A 36 -14.66 16.45 14.93
C LYS A 36 -15.63 16.01 13.85
N TYR A 37 -16.83 15.63 14.29
CA TYR A 37 -17.86 15.08 13.39
C TYR A 37 -18.40 16.11 12.42
N ASP A 38 -18.15 17.40 12.64
CA ASP A 38 -18.86 18.46 11.92
C ASP A 38 -18.71 18.31 10.41
N GLU A 39 -17.48 18.24 9.90
CA GLU A 39 -17.24 18.24 8.47
C GLU A 39 -16.68 16.94 7.92
N ASN A 40 -16.33 15.98 8.78
CA ASN A 40 -15.52 14.84 8.36
C ASN A 40 -16.31 13.55 8.23
N TYR A 41 -17.64 13.62 8.22
CA TYR A 41 -18.41 12.38 8.25
C TYR A 41 -18.34 11.62 6.92
N LYS A 42 -18.47 12.34 5.80
CA LYS A 42 -18.33 11.68 4.49
C LYS A 42 -16.90 11.18 4.28
N GLU A 43 -15.91 11.94 4.74
CA GLU A 43 -14.52 11.50 4.60
C GLU A 43 -14.25 10.27 5.45
N ALA A 44 -14.88 10.18 6.63
CA ALA A 44 -14.73 8.99 7.46
C ALA A 44 -15.42 7.79 6.84
N LEU A 45 -16.59 8.01 6.20
CA LEU A 45 -17.23 6.92 5.47
C LEU A 45 -16.34 6.44 4.33
N GLU A 46 -15.70 7.36 3.62
CA GLU A 46 -14.76 6.97 2.56
C GLU A 46 -13.59 6.19 3.15
N PHE A 47 -13.09 6.62 4.31
CA PHE A 47 -12.01 5.91 4.98
C PHE A 47 -12.42 4.48 5.32
N ILE A 48 -13.62 4.30 5.87
CA ILE A 48 -14.09 2.95 6.20
C ILE A 48 -14.24 2.10 4.94
N LYS A 49 -14.82 2.68 3.88
CA LYS A 49 -14.97 1.94 2.63
C LYS A 49 -13.62 1.50 2.06
N LEU A 50 -12.64 2.41 2.08
CA LEU A 50 -11.33 2.08 1.55
C LEU A 50 -10.62 1.03 2.39
N ASN A 51 -10.75 1.11 3.72
CA ASN A 51 -10.16 0.08 4.57
C ASN A 51 -10.82 -1.27 4.33
N SER A 52 -12.13 -1.29 4.14
CA SER A 52 -12.83 -2.55 3.85
C SER A 52 -12.34 -3.15 2.54
N GLU A 53 -12.24 -2.32 1.50
CA GLU A 53 -11.71 -2.80 0.22
C GLU A 53 -10.24 -3.20 0.32
N LEU A 54 -9.51 -2.62 1.27
CA LEU A 54 -8.08 -2.89 1.41
C LEU A 54 -7.81 -4.19 2.15
N ARG A 55 -8.67 -4.56 3.10
CA ARG A 55 -8.47 -5.81 3.83
C ARG A 55 -8.57 -7.02 2.91
N VAL A 56 -9.43 -6.94 1.88
CA VAL A 56 -9.58 -8.05 0.94
C VAL A 56 -8.27 -8.29 0.19
N GLU A 57 -7.62 -7.21 -0.23
CA GLU A 57 -6.32 -7.33 -0.90
C GLU A 57 -5.24 -7.76 0.08
N TYR A 58 -5.33 -7.28 1.32
CA TYR A 58 -4.41 -7.69 2.38
C TYR A 58 -4.40 -9.21 2.54
N VAL A 59 -5.58 -9.81 2.61
CA VAL A 59 -5.68 -11.25 2.86
C VAL A 59 -5.00 -12.04 1.75
N LYS A 60 -5.28 -11.68 0.49
CA LYS A 60 -4.68 -12.39 -0.63
C LYS A 60 -3.17 -12.22 -0.65
N LYS A 61 -2.70 -10.98 -0.53
CA LYS A 61 -1.26 -10.74 -0.61
C LYS A 61 -0.50 -11.31 0.59
N SER A 62 -1.20 -11.55 1.71
CA SER A 62 -0.54 -12.19 2.84
C SER A 62 -0.54 -13.71 2.69
N ARG A 63 -1.61 -14.29 2.16
CA ARG A 63 -1.64 -15.74 1.97
C ARG A 63 -0.65 -16.16 0.90
N GLU A 64 -0.57 -15.41 -0.21
CA GLU A 64 0.34 -15.80 -1.28
C GLU A 64 1.80 -15.62 -0.89
N ALA A 65 2.09 -14.66 0.01
CA ALA A 65 3.45 -14.45 0.47
C ALA A 65 3.87 -15.41 1.56
N GLY A 66 2.93 -16.18 2.12
CA GLY A 66 3.26 -17.13 3.16
C GLY A 66 3.28 -16.54 4.56
N VAL A 67 2.53 -15.47 4.79
CA VAL A 67 2.52 -14.82 6.11
C VAL A 67 1.92 -15.77 7.13
N GLU A 68 2.58 -15.87 8.29
CA GLU A 68 2.11 -16.74 9.36
C GLU A 68 1.09 -16.07 10.28
N LYS A 69 1.11 -14.75 10.39
CA LYS A 69 0.16 -14.04 11.24
C LYS A 69 0.01 -12.62 10.72
N LEU A 70 -1.24 -12.22 10.45
CA LEU A 70 -1.56 -10.91 9.91
C LEU A 70 -2.56 -10.22 10.82
N THR A 71 -2.25 -8.99 11.22
CA THR A 71 -3.13 -8.19 12.07
C THR A 71 -3.42 -6.87 11.36
N ILE A 72 -4.70 -6.61 11.11
CA ILE A 72 -5.16 -5.40 10.46
C ILE A 72 -6.06 -4.65 11.42
N LYS A 73 -5.73 -3.39 11.70
CA LYS A 73 -6.46 -2.57 12.65
C LYS A 73 -6.86 -1.26 12.00
N THR A 74 -8.14 -0.91 12.12
CA THR A 74 -8.69 0.31 11.55
C THR A 74 -9.46 1.05 12.64
N LYS A 75 -9.25 2.37 12.71
CA LYS A 75 -9.88 3.17 13.75
C LYS A 75 -10.22 4.56 13.23
N VAL A 76 -11.48 4.96 13.40
CA VAL A 76 -11.96 6.30 13.09
C VAL A 76 -12.75 6.77 14.30
N LYS A 77 -12.50 8.00 14.75
CA LYS A 77 -13.22 8.56 15.89
C LYS A 77 -13.52 10.03 15.59
N LEU A 78 -14.73 10.30 15.13
CA LEU A 78 -15.23 11.67 14.98
C LEU A 78 -15.99 11.98 16.26
N GLU A 79 -15.41 12.86 17.10
CA GLU A 79 -15.95 13.12 18.43
C GLU A 79 -17.00 14.23 18.38
N PRO A 80 -17.98 14.21 19.28
CA PRO A 80 -19.00 15.26 19.27
C PRO A 80 -18.47 16.55 19.87
N THR A 81 -18.96 17.66 19.33
CA THR A 81 -18.64 18.98 19.82
C THR A 81 -19.59 19.34 20.95
N GLU A 82 -19.41 20.54 21.52
CA GLU A 82 -20.29 21.00 22.59
C GLU A 82 -21.72 21.18 22.10
N ASN A 83 -21.90 21.48 20.81
CA ASN A 83 -23.22 21.82 20.30
C ASN A 83 -24.11 20.59 20.10
N SER A 84 -23.54 19.48 19.63
CA SER A 84 -24.35 18.33 19.21
C SER A 84 -23.81 17.05 19.82
N ASP A 85 -24.65 16.01 19.77
CA ASP A 85 -24.28 14.67 20.19
C ASP A 85 -23.89 13.78 19.01
N HIS A 86 -23.82 14.33 17.81
CA HIS A 86 -23.37 13.59 16.64
C HIS A 86 -21.98 13.01 16.88
N LYS A 87 -21.83 11.70 16.72
CA LYS A 87 -20.52 11.09 16.88
C LYS A 87 -20.43 9.85 15.99
N LEU A 88 -19.20 9.50 15.61
CA LEU A 88 -18.97 8.34 14.77
C LEU A 88 -17.69 7.64 15.21
N ASP A 89 -17.84 6.52 15.91
CA ASP A 89 -16.72 5.74 16.41
C ASP A 89 -16.70 4.38 15.72
N TYR A 90 -15.54 3.98 15.23
CA TYR A 90 -15.42 2.74 14.47
C TYR A 90 -14.05 2.13 14.75
N GLU A 91 -14.03 0.89 15.21
CA GLU A 91 -12.78 0.20 15.50
C GLU A 91 -12.90 -1.25 15.06
N TYR A 92 -11.96 -1.71 14.25
CA TYR A 92 -12.03 -3.05 13.65
C TYR A 92 -10.62 -3.64 13.66
N GLU A 93 -10.42 -4.68 14.47
CA GLU A 93 -9.14 -5.36 14.57
C GLU A 93 -9.33 -6.82 14.18
N GLU A 94 -8.47 -7.31 13.29
CA GLU A 94 -8.57 -8.65 12.74
C GLU A 94 -7.20 -9.32 12.80
N GLU A 95 -7.15 -10.51 13.41
CA GLU A 95 -5.92 -11.29 13.52
C GLU A 95 -6.14 -12.66 12.90
N MET A 96 -5.31 -13.00 11.91
CA MET A 96 -5.44 -14.25 11.16
C MET A 96 -4.12 -14.98 11.18
N SER A 97 -4.17 -16.28 11.51
CA SER A 97 -2.98 -17.12 11.45
C SER A 97 -2.78 -17.61 10.02
N LYS A 98 -1.82 -18.52 9.81
CA LYS A 98 -1.59 -19.05 8.47
C LYS A 98 -2.76 -19.92 8.02
N LYS A 99 -3.27 -20.77 8.92
CA LYS A 99 -4.45 -21.57 8.59
C LYS A 99 -5.66 -20.67 8.33
N ALA A 100 -5.78 -19.58 9.10
CA ALA A 100 -6.88 -18.65 8.88
C ALA A 100 -6.78 -18.01 7.49
N LEU A 101 -5.59 -17.56 7.11
CA LEU A 101 -5.38 -17.03 5.77
C LEU A 101 -5.65 -18.08 4.70
N GLU A 102 -5.40 -19.34 5.01
CA GLU A 102 -5.66 -20.41 4.04
C GLU A 102 -7.14 -20.66 3.86
N LYS A 103 -7.91 -20.58 4.94
CA LYS A 103 -9.32 -20.98 4.92
C LYS A 103 -10.28 -19.83 4.59
N THR A 104 -9.78 -18.63 4.36
CA THR A 104 -10.66 -17.49 4.11
C THR A 104 -11.26 -17.58 2.71
N ASP A 105 -12.59 -17.60 2.64
CA ASP A 105 -13.29 -17.49 1.37
C ASP A 105 -13.39 -16.01 0.99
N GLU A 106 -12.75 -15.65 -0.12
CA GLU A 106 -12.67 -14.23 -0.49
C GLU A 106 -14.04 -13.66 -0.84
N LYS A 107 -14.89 -14.46 -1.48
CA LYS A 107 -16.22 -13.98 -1.87
C LYS A 107 -17.06 -13.63 -0.65
N GLU A 108 -17.15 -14.55 0.31
CA GLU A 108 -17.94 -14.30 1.51
C GLU A 108 -17.33 -13.16 2.34
N TYR A 109 -16.00 -13.08 2.36
CA TYR A 109 -15.32 -12.02 3.09
C TYR A 109 -15.66 -10.65 2.51
N LYS A 110 -15.56 -10.52 1.19
CA LYS A 110 -15.91 -9.27 0.53
C LYS A 110 -17.37 -8.93 0.73
N GLU A 111 -18.26 -9.92 0.63
CA GLU A 111 -19.68 -9.68 0.83
C GLU A 111 -19.96 -9.19 2.24
N LYS A 112 -19.35 -9.81 3.24
CA LYS A 112 -19.53 -9.40 4.63
C LYS A 112 -19.06 -7.96 4.85
N LEU A 113 -17.85 -7.66 4.37
CA LEU A 113 -17.32 -6.31 4.54
C LEU A 113 -18.19 -5.27 3.85
N GLU A 114 -18.65 -5.57 2.64
CA GLU A 114 -19.44 -4.59 1.89
C GLU A 114 -20.82 -4.40 2.50
N LYS A 115 -21.44 -5.48 3.00
CA LYS A 115 -22.74 -5.33 3.65
C LYS A 115 -22.61 -4.55 4.95
N GLU A 116 -21.56 -4.81 5.72
CA GLU A 116 -21.33 -4.05 6.95
C GLU A 116 -21.14 -2.57 6.65
N TYR A 117 -20.32 -2.26 5.64
CA TYR A 117 -20.11 -0.86 5.29
C TYR A 117 -21.38 -0.21 4.78
N LYS A 118 -22.19 -0.95 4.00
CA LYS A 118 -23.43 -0.38 3.49
C LYS A 118 -24.39 -0.05 4.62
N LYS A 119 -24.47 -0.94 5.62
CA LYS A 119 -25.30 -0.65 6.78
C LYS A 119 -24.78 0.56 7.54
N ILE A 120 -23.46 0.67 7.69
CA ILE A 120 -22.88 1.82 8.39
C ILE A 120 -23.21 3.11 7.65
N GLU A 121 -23.05 3.11 6.33
CA GLU A 121 -23.34 4.29 5.53
C GLU A 121 -24.81 4.66 5.60
N GLU A 122 -25.70 3.67 5.52
CA GLU A 122 -27.12 3.92 5.61
C GLU A 122 -27.49 4.53 6.97
N THR A 123 -26.89 4.02 8.05
CA THR A 123 -27.19 4.55 9.37
C THR A 123 -26.65 5.97 9.55
N VAL A 124 -25.46 6.24 9.00
CA VAL A 124 -24.87 7.56 9.15
C VAL A 124 -25.65 8.60 8.34
N GLU A 125 -26.04 8.24 7.12
CA GLU A 125 -26.78 9.19 6.27
C GLU A 125 -28.16 9.51 6.83
N SER A 126 -28.78 8.55 7.53
CA SER A 126 -30.16 8.71 7.98
C SER A 126 -30.28 9.41 9.33
N ASN A 127 -29.15 9.73 9.98
CA ASN A 127 -29.15 10.36 11.30
C ASN A 127 -29.87 9.48 12.33
N LYS A 128 -29.39 8.25 12.47
CA LYS A 128 -29.95 7.28 13.39
C LYS A 128 -28.88 6.80 14.36
N ASP A 129 -29.33 6.16 15.45
CA ASP A 129 -28.46 5.67 16.50
C ASP A 129 -28.24 4.17 16.33
N TYR A 130 -26.98 3.75 16.27
CA TYR A 130 -26.65 2.35 16.05
C TYR A 130 -25.32 2.07 16.74
N GLU A 131 -25.34 1.25 17.78
CA GLU A 131 -24.14 0.90 18.52
C GLU A 131 -24.06 -0.62 18.61
N TYR A 132 -22.93 -1.19 18.19
CA TYR A 132 -22.78 -2.63 18.29
C TYR A 132 -21.33 -3.02 18.51
N GLU A 133 -21.14 -4.02 19.37
CA GLU A 133 -19.85 -4.62 19.66
C GLU A 133 -19.88 -6.06 19.16
N GLU A 134 -18.69 -6.61 18.91
CA GLU A 134 -18.58 -7.90 18.25
C GLU A 134 -17.20 -8.48 18.53
N GLU A 135 -17.17 -9.70 19.09
CA GLU A 135 -15.93 -10.42 19.32
C GLU A 135 -16.10 -11.83 18.82
N TYR A 136 -15.24 -12.24 17.90
CA TYR A 136 -15.28 -13.59 17.34
C TYR A 136 -13.92 -14.24 17.45
N GLU A 137 -13.90 -15.51 17.84
CA GLU A 137 -12.66 -16.27 17.99
C GLU A 137 -12.90 -17.71 17.56
N ASP A 138 -12.39 -18.07 16.38
CA ASP A 138 -12.27 -19.46 15.95
C ASP A 138 -10.89 -19.95 16.37
N LYS A 139 -10.84 -20.76 17.42
CA LYS A 139 -9.57 -21.24 17.93
C LYS A 139 -8.93 -22.27 17.02
N GLU A 140 -9.73 -23.08 16.33
CA GLU A 140 -9.18 -24.14 15.49
C GLU A 140 -8.39 -23.58 14.32
N THR A 141 -8.98 -22.65 13.58
CA THR A 141 -8.31 -22.01 12.46
C THR A 141 -7.48 -20.80 12.87
N GLY A 142 -7.55 -20.40 14.13
CA GLY A 142 -6.78 -19.26 14.61
C GLY A 142 -7.20 -17.94 14.00
N TYR A 143 -8.50 -17.68 14.00
CA TYR A 143 -9.05 -16.44 13.45
C TYR A 143 -9.73 -15.66 14.57
N LYS A 144 -9.45 -14.36 14.66
CA LYS A 144 -10.01 -13.55 15.72
C LYS A 144 -10.32 -12.16 15.19
N TYR A 145 -11.39 -11.56 15.70
CA TYR A 145 -11.62 -10.16 15.39
C TYR A 145 -12.48 -9.51 16.46
N LYS A 146 -12.21 -8.22 16.70
CA LYS A 146 -12.98 -7.38 17.59
C LYS A 146 -13.41 -6.13 16.84
N LYS A 147 -14.71 -5.83 16.89
CA LYS A 147 -15.29 -4.70 16.17
C LYS A 147 -16.22 -3.94 17.12
N LYS A 148 -16.07 -2.62 17.14
CA LYS A 148 -16.92 -1.76 17.96
C LYS A 148 -17.30 -0.56 17.12
N VAL A 149 -18.61 -0.37 16.91
CA VAL A 149 -19.13 0.75 16.12
C VAL A 149 -20.16 1.48 16.97
N GLU A 150 -20.14 2.81 16.89
CA GLU A 150 -21.08 3.67 17.62
C GLU A 150 -21.40 4.86 16.75
N ILE A 151 -22.64 4.95 16.28
CA ILE A 151 -23.10 5.99 15.39
C ILE A 151 -24.24 6.73 16.08
N LYS A 152 -24.05 8.02 16.32
CA LYS A 152 -25.08 8.81 17.00
C LYS A 152 -25.37 10.06 16.17
N GLY A 153 -26.65 10.30 15.93
CA GLY A 153 -27.13 11.52 15.29
C GLY A 153 -27.96 12.33 16.26
N GLY A 154 -27.57 13.59 16.45
CA GLY A 154 -28.26 14.48 17.35
C GLY A 154 -29.70 14.75 16.97
N SER B 2 8.92 28.08 -4.44
CA SER B 2 7.84 28.86 -5.04
C SER B 2 7.74 30.23 -4.39
N GLU B 3 6.98 31.13 -5.03
CA GLU B 3 6.85 32.50 -4.52
C GLU B 3 6.06 32.52 -3.21
N SER B 4 5.02 31.70 -3.11
CA SER B 4 4.25 31.62 -1.87
C SER B 4 5.12 31.16 -0.71
N LYS B 5 5.92 30.11 -0.93
CA LYS B 5 6.81 29.63 0.12
C LYS B 5 7.85 30.69 0.48
N LYS B 6 8.33 31.43 -0.52
CA LYS B 6 9.32 32.48 -0.25
C LYS B 6 8.74 33.58 0.62
N LEU B 7 7.53 34.04 0.30
CA LEU B 7 6.88 35.07 1.12
C LEU B 7 6.59 34.55 2.52
N ILE B 8 6.17 33.29 2.63
CA ILE B 8 5.89 32.70 3.94
C ILE B 8 7.16 32.62 4.78
N GLU B 9 8.28 32.26 4.15
CA GLU B 9 9.52 32.15 4.90
C GLU B 9 10.09 33.52 5.27
N GLU B 10 9.87 34.53 4.43
CA GLU B 10 10.26 35.89 4.81
C GLU B 10 9.40 36.38 5.98
N ALA B 11 8.11 36.05 5.98
CA ALA B 11 7.27 36.38 7.12
C ALA B 11 7.72 35.64 8.37
N LYS B 12 8.16 34.40 8.22
CA LYS B 12 8.73 33.65 9.34
C LYS B 12 9.97 34.36 9.88
N LYS B 13 10.85 34.82 8.99
CA LYS B 13 12.03 35.55 9.42
C LYS B 13 11.66 36.81 10.19
N GLU B 14 10.69 37.56 9.68
CA GLU B 14 10.26 38.78 10.36
C GLU B 14 9.65 38.47 11.73
N PHE B 15 8.86 37.40 11.82
CA PHE B 15 8.26 37.02 13.09
C PHE B 15 9.31 36.60 14.11
N ASP B 16 10.30 35.82 13.67
CA ASP B 16 11.38 35.41 14.57
C ASP B 16 12.20 36.62 15.01
N LYS B 17 12.45 37.57 14.09
CA LYS B 17 13.17 38.77 14.44
C LYS B 17 12.41 39.59 15.47
N GLN B 18 11.09 39.67 15.34
CA GLN B 18 10.29 40.40 16.33
C GLN B 18 10.26 39.69 17.66
N LEU B 19 10.22 38.35 17.65
CA LEU B 19 10.21 37.59 18.90
C LEU B 19 11.52 37.74 19.65
N ALA B 20 12.65 37.64 18.95
CA ALA B 20 13.94 37.70 19.61
C ALA B 20 14.22 39.06 20.21
N GLU B 21 13.65 40.13 19.63
CA GLU B 21 13.87 41.47 20.13
C GLU B 21 13.08 41.78 21.40
N GLY B 22 12.21 40.87 21.83
CA GLY B 22 11.41 41.11 23.01
C GLY B 22 10.16 41.93 22.76
N LYS B 23 9.69 42.00 21.53
CA LYS B 23 8.50 42.77 21.20
C LYS B 23 7.27 42.08 21.78
N LYS B 24 6.50 42.80 22.58
CA LYS B 24 5.27 42.27 23.16
C LYS B 24 4.06 42.45 22.26
N GLU B 25 4.11 43.39 21.32
CA GLU B 25 3.05 43.60 20.35
C GLU B 25 3.63 43.37 18.96
N ILE B 26 3.14 42.35 18.27
CA ILE B 26 3.65 41.95 16.96
C ILE B 26 2.56 42.18 15.93
N ASP B 27 2.92 42.85 14.84
CA ASP B 27 2.00 43.17 13.74
C ASP B 27 2.59 42.61 12.45
N ILE B 28 2.12 41.44 12.04
CA ILE B 28 2.63 40.73 10.87
C ILE B 28 1.63 40.87 9.74
N GLU B 29 2.11 41.31 8.57
CA GLU B 29 1.27 41.45 7.38
C GLU B 29 1.92 40.71 6.24
N ILE B 30 1.23 39.71 5.70
CA ILE B 30 1.73 38.87 4.62
C ILE B 30 0.82 39.10 3.42
N GLU B 31 1.34 39.71 2.37
CA GLU B 31 0.55 40.08 1.20
C GLU B 31 1.13 39.41 -0.05
N TYR B 32 0.23 38.90 -0.89
CA TYR B 32 0.56 38.32 -2.19
C TYR B 32 0.50 39.39 -3.26
N PRO B 33 1.49 39.47 -4.15
CA PRO B 33 1.53 40.58 -5.12
C PRO B 33 0.32 40.56 -6.05
N LYS B 34 -0.05 41.75 -6.53
CA LYS B 34 -1.18 41.91 -7.43
C LYS B 34 -0.92 41.21 -8.76
N LYS B 35 -1.66 40.13 -9.01
CA LYS B 35 -1.50 39.38 -10.25
C LYS B 35 -2.86 39.08 -10.85
N LYS B 36 -2.90 38.24 -11.88
CA LYS B 36 -4.13 37.84 -12.53
C LYS B 36 -4.52 36.43 -12.12
N TYR B 37 -5.77 36.07 -12.43
CA TYR B 37 -6.33 34.83 -11.90
C TYR B 37 -5.76 33.60 -12.60
N ASP B 38 -5.60 33.67 -13.93
CA ASP B 38 -5.31 32.46 -14.70
C ASP B 38 -3.92 31.92 -14.42
N GLU B 39 -2.97 32.76 -14.05
CA GLU B 39 -1.62 32.28 -13.79
C GLU B 39 -1.49 31.65 -12.41
N ASN B 40 -2.07 32.28 -11.38
CA ASN B 40 -1.84 31.89 -10.00
C ASN B 40 -3.07 31.26 -9.36
N TYR B 41 -3.94 30.63 -10.17
CA TYR B 41 -5.14 30.00 -9.62
C TYR B 41 -4.81 28.84 -8.68
N LYS B 42 -3.57 28.34 -8.73
CA LYS B 42 -3.14 27.30 -7.79
C LYS B 42 -2.17 27.82 -6.74
N GLU B 43 -1.33 28.80 -7.08
CA GLU B 43 -0.38 29.33 -6.11
C GLU B 43 -1.06 30.15 -5.03
N ALA B 44 -2.21 30.76 -5.34
CA ALA B 44 -2.94 31.52 -4.33
C ALA B 44 -3.52 30.61 -3.25
N LEU B 45 -4.06 29.46 -3.66
CA LEU B 45 -4.55 28.50 -2.68
C LEU B 45 -3.41 27.98 -1.82
N GLU B 46 -2.25 27.72 -2.43
CA GLU B 46 -1.07 27.32 -1.66
C GLU B 46 -0.69 28.39 -0.66
N PHE B 47 -0.73 29.67 -1.08
CA PHE B 47 -0.42 30.77 -0.18
C PHE B 47 -1.38 30.80 1.00
N ILE B 48 -2.67 30.63 0.74
CA ILE B 48 -3.67 30.66 1.81
C ILE B 48 -3.45 29.50 2.78
N LYS B 49 -3.17 28.31 2.26
CA LYS B 49 -2.94 27.14 3.10
C LYS B 49 -1.70 27.34 3.99
N LEU B 50 -0.60 27.80 3.39
CA LEU B 50 0.60 28.08 4.17
C LEU B 50 0.37 29.17 5.19
N ASN B 51 -0.48 30.16 4.88
CA ASN B 51 -0.78 31.20 5.86
C ASN B 51 -1.57 30.65 7.03
N SER B 52 -2.53 29.77 6.78
CA SER B 52 -3.27 29.15 7.88
C SER B 52 -2.33 28.36 8.79
N GLU B 53 -1.44 27.56 8.18
CA GLU B 53 -0.46 26.82 8.97
C GLU B 53 0.46 27.76 9.74
N LEU B 54 0.83 28.88 9.11
CA LEU B 54 1.70 29.85 9.77
C LEU B 54 1.01 30.51 10.95
N ARG B 55 -0.29 30.75 10.85
CA ARG B 55 -1.04 31.30 11.98
C ARG B 55 -1.11 30.29 13.11
N VAL B 56 -1.33 29.02 12.78
CA VAL B 56 -1.33 27.98 13.81
C VAL B 56 0.01 27.94 14.53
N GLU B 57 1.11 28.13 13.79
CA GLU B 57 2.43 28.15 14.42
C GLU B 57 2.64 29.43 15.24
N TYR B 58 2.17 30.57 14.71
CA TYR B 58 2.35 31.86 15.36
C TYR B 58 1.67 31.90 16.71
N VAL B 59 0.47 31.30 16.82
CA VAL B 59 -0.25 31.32 18.10
C VAL B 59 0.62 30.71 19.19
N LYS B 60 1.16 29.51 18.95
CA LYS B 60 1.96 28.83 19.95
C LYS B 60 3.26 29.58 20.23
N LYS B 61 3.94 30.03 19.16
CA LYS B 61 5.21 30.72 19.35
C LYS B 61 5.03 32.00 20.17
N SER B 62 3.98 32.77 19.89
CA SER B 62 3.71 33.99 20.65
C SER B 62 3.26 33.66 22.08
N ARG B 63 2.58 32.54 22.26
CA ARG B 63 2.13 32.17 23.59
C ARG B 63 3.30 31.81 24.50
N GLU B 64 4.32 31.15 23.95
CA GLU B 64 5.49 30.81 24.76
C GLU B 64 6.37 32.02 25.04
N ALA B 65 6.32 33.04 24.20
CA ALA B 65 7.16 34.23 24.37
C ALA B 65 6.51 35.29 25.24
N GLY B 66 5.26 35.09 25.67
CA GLY B 66 4.58 36.09 26.48
C GLY B 66 4.07 37.28 25.70
N VAL B 67 3.68 37.08 24.43
CA VAL B 67 3.22 38.18 23.61
C VAL B 67 1.89 38.70 24.13
N GLU B 68 1.81 40.02 24.34
CA GLU B 68 0.60 40.63 24.85
C GLU B 68 -0.47 40.81 23.78
N LYS B 69 -0.06 41.06 22.53
CA LYS B 69 -1.02 41.27 21.45
C LYS B 69 -0.40 40.80 20.14
N LEU B 70 -1.15 39.98 19.40
CA LEU B 70 -0.72 39.43 18.13
C LEU B 70 -1.72 39.82 17.05
N THR B 71 -1.21 40.38 15.96
CA THR B 71 -2.04 40.81 14.83
C THR B 71 -1.48 40.19 13.56
N ILE B 72 -2.30 39.38 12.89
CA ILE B 72 -1.90 38.67 11.68
C ILE B 72 -2.86 39.04 10.56
N LYS B 73 -2.30 39.55 9.45
CA LYS B 73 -3.08 39.92 8.28
C LYS B 73 -2.56 39.20 7.04
N THR B 74 -3.49 38.68 6.24
CA THR B 74 -3.18 37.95 5.02
C THR B 74 -4.04 38.50 3.89
N LYS B 75 -3.43 38.68 2.72
CA LYS B 75 -4.13 39.26 1.57
C LYS B 75 -3.65 38.62 0.28
N VAL B 76 -4.61 38.21 -0.55
CA VAL B 76 -4.38 37.76 -1.91
C VAL B 76 -5.43 38.40 -2.80
N LYS B 77 -5.03 38.83 -4.00
CA LYS B 77 -5.98 39.39 -4.95
C LYS B 77 -5.54 39.00 -6.36
N LEU B 78 -6.24 38.04 -6.94
CA LEU B 78 -6.08 37.68 -8.34
C LEU B 78 -7.23 38.32 -9.11
N GLU B 79 -6.89 39.29 -9.96
CA GLU B 79 -7.80 40.13 -10.71
C GLU B 79 -8.34 39.39 -11.94
N PRO B 80 -9.47 39.82 -12.47
CA PRO B 80 -10.03 39.14 -13.65
C PRO B 80 -9.14 39.28 -14.87
N THR B 81 -9.18 38.25 -15.71
CA THR B 81 -8.38 38.18 -16.92
C THR B 81 -9.26 38.24 -18.17
N ASP B 85 -13.74 36.62 -16.23
CA ASP B 85 -14.57 37.08 -15.13
C ASP B 85 -14.12 36.46 -13.81
N HIS B 86 -13.29 35.43 -13.91
CA HIS B 86 -12.74 34.77 -12.72
C HIS B 86 -11.96 35.76 -11.87
N LYS B 87 -12.13 35.65 -10.55
CA LYS B 87 -11.34 36.46 -9.63
C LYS B 87 -11.26 35.75 -8.29
N LEU B 88 -10.21 36.05 -7.54
CA LEU B 88 -9.99 35.43 -6.23
C LEU B 88 -9.46 36.49 -5.28
N ASP B 89 -10.31 36.96 -4.36
CA ASP B 89 -9.92 37.95 -3.36
C ASP B 89 -10.05 37.32 -1.99
N TYR B 90 -9.00 37.45 -1.18
CA TYR B 90 -8.96 36.86 0.15
C TYR B 90 -8.26 37.82 1.09
N GLU B 91 -8.92 38.19 2.18
CA GLU B 91 -8.31 39.03 3.20
C GLU B 91 -8.74 38.54 4.57
N TYR B 92 -7.76 38.36 5.47
CA TYR B 92 -8.00 37.80 6.78
C TYR B 92 -7.13 38.54 7.79
N GLU B 93 -7.74 39.36 8.63
CA GLU B 93 -7.05 40.07 9.70
C GLU B 93 -7.53 39.54 11.04
N GLU B 94 -6.60 39.35 11.98
CA GLU B 94 -6.90 38.72 13.25
C GLU B 94 -6.10 39.40 14.35
N GLU B 95 -6.78 39.75 15.44
CA GLU B 95 -6.15 40.37 16.60
C GLU B 95 -6.49 39.54 17.83
N MET B 96 -5.45 39.12 18.55
CA MET B 96 -5.59 38.27 19.73
C MET B 96 -4.79 38.88 20.88
N SER B 97 -5.44 39.07 22.01
CA SER B 97 -4.74 39.55 23.20
C SER B 97 -4.00 38.40 23.88
N LYS B 98 -3.40 38.69 25.04
CA LYS B 98 -2.72 37.64 25.78
C LYS B 98 -3.72 36.64 26.34
N LYS B 99 -4.86 37.12 26.84
CA LYS B 99 -5.92 36.25 27.31
C LYS B 99 -6.42 35.35 26.18
N ALA B 100 -6.66 35.93 25.00
CA ALA B 100 -7.12 35.15 23.87
C ALA B 100 -6.10 34.09 23.46
N LEU B 101 -4.81 34.47 23.47
CA LEU B 101 -3.77 33.49 23.15
C LEU B 101 -3.74 32.36 24.18
N GLU B 102 -3.95 32.70 25.47
CA GLU B 102 -3.96 31.68 26.51
C GLU B 102 -5.17 30.78 26.43
N LYS B 103 -6.27 31.23 25.84
CA LYS B 103 -7.50 30.45 25.80
C LYS B 103 -7.78 29.84 24.42
N THR B 104 -6.79 29.78 23.53
CA THR B 104 -6.99 29.30 22.18
C THR B 104 -6.54 27.84 22.08
N ASP B 105 -7.47 26.95 21.75
CA ASP B 105 -7.14 25.56 21.45
C ASP B 105 -6.57 25.51 20.04
N GLU B 106 -5.26 25.26 19.91
CA GLU B 106 -4.61 25.32 18.61
C GLU B 106 -5.10 24.22 17.66
N LYS B 107 -5.59 23.11 18.21
CA LYS B 107 -6.11 22.05 17.36
C LYS B 107 -7.44 22.44 16.72
N GLU B 108 -8.36 22.98 17.54
CA GLU B 108 -9.62 23.48 17.00
C GLU B 108 -9.39 24.62 16.02
N TYR B 109 -8.42 25.49 16.33
CA TYR B 109 -8.05 26.58 15.42
C TYR B 109 -7.56 26.02 14.08
N LYS B 110 -6.66 25.03 14.14
CA LYS B 110 -6.16 24.40 12.92
C LYS B 110 -7.28 23.75 12.12
N GLU B 111 -8.20 23.07 12.80
CA GLU B 111 -9.28 22.40 12.09
C GLU B 111 -10.21 23.41 11.42
N LYS B 112 -10.49 24.52 12.09
CA LYS B 112 -11.32 25.57 11.48
C LYS B 112 -10.66 26.14 10.24
N LEU B 113 -9.36 26.47 10.34
CA LEU B 113 -8.65 27.01 9.18
C LEU B 113 -8.59 25.98 8.04
N GLU B 114 -8.42 24.70 8.38
CA GLU B 114 -8.38 23.67 7.36
C GLU B 114 -9.72 23.53 6.65
N LYS B 115 -10.82 23.56 7.41
CA LYS B 115 -12.14 23.49 6.79
C LYS B 115 -12.37 24.69 5.87
N GLU B 116 -11.96 25.89 6.30
CA GLU B 116 -12.14 27.07 5.47
C GLU B 116 -11.34 26.95 4.17
N TYR B 117 -10.07 26.53 4.28
CA TYR B 117 -9.26 26.39 3.07
C TYR B 117 -9.82 25.31 2.15
N LYS B 118 -10.34 24.22 2.73
CA LYS B 118 -10.91 23.16 1.90
C LYS B 118 -12.13 23.66 1.14
N LYS B 119 -13.01 24.41 1.81
CA LYS B 119 -14.15 24.98 1.12
C LYS B 119 -13.73 25.94 0.01
N ILE B 120 -12.72 26.77 0.29
CA ILE B 120 -12.24 27.72 -0.72
C ILE B 120 -11.66 26.99 -1.92
N GLU B 121 -10.85 25.95 -1.67
CA GLU B 121 -10.24 25.20 -2.76
C GLU B 121 -11.30 24.48 -3.59
N GLU B 122 -12.30 23.90 -2.92
CA GLU B 122 -13.37 23.23 -3.66
C GLU B 122 -14.17 24.22 -4.49
N THR B 123 -14.40 25.42 -3.97
CA THR B 123 -15.12 26.43 -4.73
C THR B 123 -14.32 26.87 -5.95
N VAL B 124 -13.01 27.03 -5.79
CA VAL B 124 -12.17 27.44 -6.92
C VAL B 124 -12.13 26.36 -7.98
N GLU B 125 -11.91 25.10 -7.56
CA GLU B 125 -11.74 24.01 -8.53
C GLU B 125 -13.04 23.60 -9.18
N SER B 126 -14.19 23.94 -8.59
CA SER B 126 -15.48 23.58 -9.15
C SER B 126 -16.07 24.67 -10.03
N ASN B 127 -15.38 25.81 -10.16
CA ASN B 127 -15.83 26.94 -10.98
C ASN B 127 -17.20 27.45 -10.50
N LYS B 128 -17.22 27.86 -9.23
CA LYS B 128 -18.43 28.35 -8.58
C LYS B 128 -18.23 29.80 -8.16
N ASP B 129 -19.32 30.40 -7.70
CA ASP B 129 -19.33 31.78 -7.21
C ASP B 129 -19.63 31.76 -5.71
N TYR B 130 -18.72 32.32 -4.92
CA TYR B 130 -18.85 32.29 -3.46
C TYR B 130 -18.23 33.55 -2.88
N GLU B 131 -19.04 34.39 -2.26
CA GLU B 131 -18.56 35.61 -1.62
C GLU B 131 -19.07 35.65 -0.18
N TYR B 132 -18.17 35.86 0.77
CA TYR B 132 -18.60 35.98 2.15
C TYR B 132 -17.69 36.94 2.91
N GLU B 133 -18.31 37.66 3.86
CA GLU B 133 -17.62 38.58 4.73
C GLU B 133 -17.96 38.21 6.17
N GLU B 134 -16.99 38.38 7.07
CA GLU B 134 -17.16 38.06 8.48
C GLU B 134 -16.46 39.12 9.33
N GLU B 135 -17.13 39.53 10.40
CA GLU B 135 -16.56 40.46 11.38
C GLU B 135 -16.97 39.97 12.76
N TYR B 136 -16.02 39.49 13.54
CA TYR B 136 -16.29 38.92 14.85
C TYR B 136 -15.45 39.62 15.90
N GLU B 137 -16.02 39.76 17.10
CA GLU B 137 -15.32 40.44 18.18
C GLU B 137 -15.78 39.88 19.52
N ASP B 138 -14.81 39.42 20.33
CA ASP B 138 -15.03 39.00 21.71
C ASP B 138 -14.35 40.05 22.59
N LYS B 139 -15.17 40.80 23.32
CA LYS B 139 -14.66 41.94 24.08
C LYS B 139 -13.91 41.48 25.33
N GLU B 140 -14.49 40.56 26.09
CA GLU B 140 -13.85 40.10 27.33
C GLU B 140 -12.55 39.39 27.02
N THR B 141 -12.60 38.35 26.18
CA THR B 141 -11.39 37.64 25.79
C THR B 141 -10.45 38.51 24.98
N GLY B 142 -10.95 39.57 24.36
CA GLY B 142 -10.12 40.46 23.57
C GLY B 142 -9.61 39.82 22.30
N TYR B 143 -10.52 39.23 21.51
CA TYR B 143 -10.14 38.54 20.29
C TYR B 143 -11.12 38.90 19.18
N LYS B 144 -10.63 39.56 18.14
CA LYS B 144 -11.49 39.93 17.04
C LYS B 144 -10.82 39.60 15.72
N TYR B 145 -11.64 39.56 14.66
CA TYR B 145 -11.10 39.30 13.33
C TYR B 145 -12.09 39.78 12.28
N LYS B 146 -11.53 40.11 11.11
CA LYS B 146 -12.29 40.44 9.92
C LYS B 146 -11.81 39.57 8.77
N LYS B 147 -12.72 39.26 7.85
CA LYS B 147 -12.44 38.32 6.78
C LYS B 147 -13.33 38.64 5.60
N LYS B 148 -12.76 38.62 4.40
CA LYS B 148 -13.50 38.89 3.17
C LYS B 148 -12.96 37.98 2.07
N VAL B 149 -13.84 37.16 1.51
CA VAL B 149 -13.49 36.23 0.44
C VAL B 149 -14.47 36.44 -0.71
N GLU B 150 -13.93 36.51 -1.92
CA GLU B 150 -14.74 36.64 -3.13
C GLU B 150 -14.12 35.77 -4.22
N ILE B 151 -14.80 34.68 -4.56
CA ILE B 151 -14.35 33.75 -5.59
C ILE B 151 -15.38 33.78 -6.71
N LYS B 152 -14.96 34.19 -7.90
CA LYS B 152 -15.87 34.28 -9.03
C LYS B 152 -15.33 33.48 -10.20
N GLY B 153 -16.21 32.68 -10.80
CA GLY B 153 -15.87 31.93 -12.00
C GLY B 153 -16.85 32.19 -13.12
N GLY B 154 -16.33 32.52 -14.31
CA GLY B 154 -17.19 32.82 -15.45
C GLY B 154 -17.92 31.61 -16.00
N SER C 2 12.54 -2.12 33.46
CA SER C 2 11.27 -2.66 33.01
C SER C 2 10.76 -1.91 31.79
N GLU C 3 10.11 -2.63 30.87
CA GLU C 3 9.58 -1.98 29.68
C GLU C 3 8.45 -1.01 30.01
N SER C 4 7.69 -1.30 31.07
CA SER C 4 6.70 -0.34 31.56
C SER C 4 7.36 0.98 31.91
N LYS C 5 8.48 0.93 32.63
CA LYS C 5 9.19 2.15 32.99
C LYS C 5 9.74 2.86 31.77
N LYS C 6 10.16 2.11 30.75
CA LYS C 6 10.65 2.72 29.52
C LYS C 6 9.54 3.50 28.81
N LEU C 7 8.38 2.87 28.65
CA LEU C 7 7.25 3.56 28.01
C LEU C 7 6.79 4.75 28.84
N ILE C 8 6.84 4.63 30.17
CA ILE C 8 6.46 5.74 31.04
C ILE C 8 7.45 6.90 30.88
N GLU C 9 8.75 6.59 30.80
CA GLU C 9 9.74 7.63 30.57
C GLU C 9 9.49 8.34 29.25
N GLU C 10 9.22 7.58 28.20
CA GLU C 10 9.00 8.21 26.90
C GLU C 10 7.73 9.06 26.90
N ALA C 11 6.67 8.60 27.57
CA ALA C 11 5.45 9.38 27.66
C ALA C 11 5.68 10.66 28.44
N LYS C 12 6.44 10.59 29.54
CA LYS C 12 6.74 11.78 30.33
C LYS C 12 7.55 12.78 29.51
N LYS C 13 8.53 12.28 28.75
CA LYS C 13 9.33 13.17 27.90
C LYS C 13 8.47 13.81 26.82
N GLU C 14 7.53 13.05 26.25
CA GLU C 14 6.65 13.62 25.22
C GLU C 14 5.74 14.68 25.82
N PHE C 15 5.27 14.46 27.05
CA PHE C 15 4.46 15.46 27.73
C PHE C 15 5.26 16.75 27.94
N ASP C 16 6.48 16.62 28.45
CA ASP C 16 7.34 17.79 28.65
C ASP C 16 7.61 18.50 27.32
N LYS C 17 7.81 17.74 26.25
CA LYS C 17 8.07 18.33 24.95
C LYS C 17 6.87 19.10 24.43
N GLN C 18 5.68 18.50 24.52
CA GLN C 18 4.47 19.20 24.09
C GLN C 18 4.22 20.46 24.90
N LEU C 19 4.57 20.44 26.19
CA LEU C 19 4.43 21.65 27.00
C LEU C 19 5.46 22.70 26.61
N ALA C 20 6.69 22.27 26.28
CA ALA C 20 7.74 23.22 25.94
C ALA C 20 7.49 23.86 24.57
N GLU C 21 6.82 23.13 23.67
CA GLU C 21 6.55 23.70 22.35
C GLU C 21 5.55 24.85 22.42
N GLY C 22 4.58 24.76 23.34
CA GLY C 22 3.63 25.84 23.52
C GLY C 22 2.20 25.41 23.30
N LYS C 23 1.98 24.09 23.29
CA LYS C 23 0.66 23.53 23.09
C LYS C 23 -0.12 23.55 24.39
N LYS C 24 -1.40 23.90 24.29
CA LYS C 24 -2.34 23.76 25.39
C LYS C 24 -3.37 22.68 25.12
N GLU C 25 -3.30 22.03 23.95
CA GLU C 25 -4.07 20.83 23.65
C GLU C 25 -3.09 19.66 23.65
N ILE C 26 -3.04 18.94 24.77
CA ILE C 26 -2.04 17.89 24.98
C ILE C 26 -2.72 16.54 24.82
N ASP C 27 -2.17 15.70 23.95
CA ASP C 27 -2.66 14.35 23.72
C ASP C 27 -1.50 13.37 23.95
N ILE C 28 -1.70 12.44 24.88
CA ILE C 28 -0.68 11.46 25.23
C ILE C 28 -1.32 10.08 25.18
N GLU C 29 -0.72 9.18 24.40
CA GLU C 29 -1.18 7.80 24.29
C GLU C 29 -0.05 6.88 24.70
N ILE C 30 -0.32 6.03 25.69
CA ILE C 30 0.67 5.12 26.25
C ILE C 30 0.13 3.70 26.07
N GLU C 31 0.75 2.94 25.17
CA GLU C 31 0.31 1.60 24.84
C GLU C 31 1.40 0.58 25.16
N TYR C 32 0.99 -0.51 25.79
CA TYR C 32 1.80 -1.69 26.09
C TYR C 32 1.79 -2.66 24.92
N PRO C 33 2.97 -3.14 24.54
CA PRO C 33 3.08 -3.97 23.33
C PRO C 33 2.28 -5.26 23.44
N LYS C 34 1.78 -5.71 22.29
CA LYS C 34 0.99 -6.93 22.24
C LYS C 34 1.84 -8.12 22.66
N LYS C 35 1.46 -8.78 23.75
CA LYS C 35 2.20 -9.90 24.30
C LYS C 35 1.22 -10.97 24.78
N LYS C 36 1.78 -12.08 25.24
CA LYS C 36 0.98 -13.15 25.84
C LYS C 36 0.77 -12.87 27.32
N TYR C 37 -0.31 -13.44 27.86
CA TYR C 37 -0.63 -13.22 29.27
C TYR C 37 0.38 -13.90 30.18
N ASP C 38 0.62 -15.20 29.94
CA ASP C 38 1.37 -16.03 30.89
C ASP C 38 2.80 -15.54 31.11
N GLU C 39 3.34 -14.71 30.21
CA GLU C 39 4.71 -14.23 30.36
C GLU C 39 4.79 -12.75 30.70
N ASN C 40 3.67 -12.02 30.68
CA ASN C 40 3.73 -10.57 30.86
C ASN C 40 2.59 -10.00 31.69
N TYR C 41 1.84 -10.83 32.42
CA TYR C 41 0.72 -10.30 33.21
C TYR C 41 1.21 -9.35 34.30
N LYS C 42 2.33 -9.68 34.96
CA LYS C 42 2.83 -8.83 36.03
C LYS C 42 3.42 -7.54 35.48
N GLU C 43 4.09 -7.63 34.32
CA GLU C 43 4.53 -6.42 33.64
C GLU C 43 3.36 -5.51 33.31
N ALA C 44 2.24 -6.10 32.86
CA ALA C 44 1.07 -5.31 32.53
C ALA C 44 0.47 -4.65 33.77
N LEU C 45 0.46 -5.38 34.89
CA LEU C 45 -0.04 -4.81 36.14
C LEU C 45 0.82 -3.62 36.58
N GLU C 46 2.14 -3.79 36.55
CA GLU C 46 3.03 -2.68 36.88
C GLU C 46 2.82 -1.52 35.92
N PHE C 47 2.58 -1.82 34.64
CA PHE C 47 2.33 -0.77 33.65
C PHE C 47 1.08 0.03 34.02
N ILE C 48 0.00 -0.67 34.38
CA ILE C 48 -1.24 0.01 34.76
C ILE C 48 -1.01 0.88 36.00
N LYS C 49 -0.25 0.36 36.97
CA LYS C 49 0.02 1.13 38.19
C LYS C 49 0.82 2.39 37.89
N LEU C 50 1.88 2.26 37.08
CA LEU C 50 2.69 3.42 36.72
C LEU C 50 1.88 4.42 35.92
N ASN C 51 0.97 3.95 35.07
CA ASN C 51 0.10 4.86 34.34
C ASN C 51 -0.84 5.59 35.29
N SER C 52 -1.36 4.89 36.31
CA SER C 52 -2.23 5.55 37.29
C SER C 52 -1.48 6.67 38.00
N GLU C 53 -0.22 6.43 38.36
CA GLU C 53 0.58 7.48 39.00
C GLU C 53 0.88 8.63 38.02
N LEU C 54 1.20 8.28 36.77
CA LEU C 54 1.53 9.29 35.78
C LEU C 54 0.33 10.17 35.46
N ARG C 55 -0.89 9.63 35.58
CA ARG C 55 -2.07 10.45 35.31
C ARG C 55 -2.23 11.54 36.37
N VAL C 56 -1.97 11.21 37.64
CA VAL C 56 -2.00 12.24 38.68
C VAL C 56 -0.92 13.27 38.43
N GLU C 57 0.29 12.82 38.07
CA GLU C 57 1.35 13.77 37.74
C GLU C 57 0.95 14.68 36.58
N TYR C 58 0.30 14.11 35.56
CA TYR C 58 -0.15 14.89 34.41
C TYR C 58 -1.19 15.92 34.81
N VAL C 59 -2.16 15.52 35.64
CA VAL C 59 -3.18 16.46 36.07
C VAL C 59 -2.55 17.63 36.82
N LYS C 60 -1.62 17.32 37.74
CA LYS C 60 -0.94 18.38 38.48
C LYS C 60 -0.21 19.34 37.53
N LYS C 61 0.63 18.79 36.65
CA LYS C 61 1.44 19.66 35.79
C LYS C 61 0.58 20.43 34.79
N SER C 62 -0.53 19.84 34.33
CA SER C 62 -1.40 20.53 33.38
C SER C 62 -2.16 21.66 34.05
N ARG C 63 -2.63 21.43 35.28
CA ARG C 63 -3.26 22.52 36.03
C ARG C 63 -2.27 23.63 36.30
N GLU C 64 -1.00 23.27 36.56
CA GLU C 64 0.01 24.28 36.84
C GLU C 64 0.52 24.98 35.58
N ALA C 65 0.31 24.40 34.40
CA ALA C 65 0.77 24.99 33.15
C ALA C 65 -0.33 25.76 32.42
N GLY C 66 -1.55 25.74 32.91
CA GLY C 66 -2.64 26.42 32.22
C GLY C 66 -3.11 25.68 30.98
N VAL C 67 -3.10 24.35 31.01
CA VAL C 67 -3.46 23.56 29.83
C VAL C 67 -4.96 23.72 29.55
N GLU C 68 -5.29 23.95 28.28
CA GLU C 68 -6.69 24.11 27.88
C GLU C 68 -7.41 22.78 27.77
N LYS C 69 -6.72 21.72 27.36
CA LYS C 69 -7.32 20.40 27.25
C LYS C 69 -6.24 19.34 27.39
N LEU C 70 -6.47 18.37 28.27
CA LEU C 70 -5.56 17.28 28.52
C LEU C 70 -6.23 15.96 28.15
N THR C 71 -5.54 15.13 27.38
CA THR C 71 -6.04 13.83 26.98
C THR C 71 -4.98 12.78 27.29
N ILE C 72 -5.36 11.77 28.06
CA ILE C 72 -4.45 10.69 28.45
C ILE C 72 -5.10 9.36 28.08
N LYS C 73 -4.35 8.49 27.42
CA LYS C 73 -4.84 7.19 27.00
C LYS C 73 -3.86 6.09 27.43
N THR C 74 -4.40 5.01 27.95
CA THR C 74 -3.63 3.85 28.38
C THR C 74 -4.28 2.60 27.80
N LYS C 75 -3.47 1.72 27.22
CA LYS C 75 -3.99 0.52 26.56
C LYS C 75 -3.02 -0.64 26.78
N VAL C 76 -3.54 -1.72 27.35
CA VAL C 76 -2.84 -3.00 27.45
C VAL C 76 -3.79 -4.08 26.95
N LYS C 77 -3.26 -5.02 26.17
CA LYS C 77 -4.08 -6.15 25.72
C LYS C 77 -3.15 -7.36 25.61
N LEU C 78 -3.19 -8.22 26.62
CA LEU C 78 -2.40 -9.45 26.60
C LEU C 78 -3.27 -10.56 26.01
N GLU C 79 -3.03 -10.88 24.75
CA GLU C 79 -3.82 -11.93 24.11
C GLU C 79 -3.52 -13.27 24.80
N PRO C 80 -4.53 -14.11 24.99
CA PRO C 80 -4.33 -15.32 25.80
C PRO C 80 -3.52 -16.37 25.05
N THR C 81 -2.71 -17.11 25.80
CA THR C 81 -2.26 -18.40 25.32
C THR C 81 -3.50 -19.25 25.08
N GLU C 82 -3.52 -19.94 23.92
CA GLU C 82 -4.77 -20.43 23.36
C GLU C 82 -5.62 -21.20 24.35
N ASN C 83 -5.00 -22.04 25.18
CA ASN C 83 -5.75 -22.83 26.14
C ASN C 83 -6.05 -22.10 27.44
N SER C 84 -5.08 -21.34 27.95
CA SER C 84 -5.27 -20.64 29.21
C SER C 84 -6.42 -19.63 29.07
N ASP C 85 -7.43 -19.79 29.92
CA ASP C 85 -8.57 -18.88 29.91
C ASP C 85 -8.19 -17.46 30.34
N HIS C 86 -6.96 -17.24 30.76
CA HIS C 86 -6.53 -15.94 31.26
C HIS C 86 -6.54 -14.90 30.16
N LYS C 87 -6.84 -13.66 30.54
CA LYS C 87 -6.81 -12.53 29.63
C LYS C 87 -6.82 -11.24 30.43
N LEU C 88 -6.00 -10.28 30.01
CA LEU C 88 -5.94 -8.97 30.65
C LEU C 88 -6.04 -7.91 29.56
N ASP C 89 -7.19 -7.24 29.49
CA ASP C 89 -7.41 -6.15 28.55
C ASP C 89 -7.82 -4.91 29.34
N TYR C 90 -7.13 -3.80 29.13
CA TYR C 90 -7.34 -2.58 29.88
C TYR C 90 -7.23 -1.40 28.93
N GLU C 91 -8.26 -0.56 28.87
CA GLU C 91 -8.26 0.60 27.99
C GLU C 91 -8.93 1.76 28.72
N TYR C 92 -8.20 2.85 28.89
CA TYR C 92 -8.67 3.98 29.68
C TYR C 92 -8.29 5.28 28.96
N GLU C 93 -9.29 6.04 28.54
CA GLU C 93 -9.09 7.33 27.90
C GLU C 93 -9.78 8.42 28.71
N GLU C 94 -9.09 9.54 28.88
CA GLU C 94 -9.58 10.64 29.72
C GLU C 94 -9.32 11.95 29.02
N GLU C 95 -10.34 12.81 28.94
CA GLU C 95 -10.22 14.15 28.38
C GLU C 95 -10.78 15.15 29.37
N MET C 96 -9.95 16.11 29.78
CA MET C 96 -10.32 17.13 30.75
C MET C 96 -10.07 18.51 30.16
N SER C 97 -11.04 19.40 30.34
CA SER C 97 -10.86 20.79 29.94
C SER C 97 -10.03 21.54 30.97
N LYS C 98 -9.84 22.83 30.75
CA LYS C 98 -9.09 23.65 31.70
C LYS C 98 -9.85 23.77 33.02
N LYS C 99 -11.15 24.04 32.95
CA LYS C 99 -11.96 24.11 34.16
C LYS C 99 -12.02 22.77 34.87
N ALA C 100 -12.03 21.67 34.11
CA ALA C 100 -11.97 20.34 34.72
C ALA C 100 -10.69 20.18 35.52
N LEU C 101 -9.56 20.57 34.92
CA LEU C 101 -8.28 20.50 35.64
C LEU C 101 -8.28 21.41 36.87
N GLU C 102 -9.00 22.54 36.79
CA GLU C 102 -9.06 23.44 37.94
C GLU C 102 -9.81 22.82 39.11
N LYS C 103 -10.91 22.11 38.83
CA LYS C 103 -11.78 21.56 39.86
C LYS C 103 -11.50 20.10 40.16
N THR C 104 -10.39 19.55 39.66
CA THR C 104 -10.06 18.16 39.94
C THR C 104 -9.55 18.02 41.37
N ASP C 105 -10.28 17.26 42.18
CA ASP C 105 -9.81 16.93 43.52
C ASP C 105 -8.71 15.89 43.40
N GLU C 106 -7.46 16.33 43.62
CA GLU C 106 -6.32 15.44 43.44
C GLU C 106 -6.39 14.23 44.38
N LYS C 107 -6.83 14.46 45.62
CA LYS C 107 -6.95 13.37 46.58
C LYS C 107 -7.92 12.32 46.09
N GLU C 108 -9.14 12.74 45.72
CA GLU C 108 -10.15 11.80 45.26
C GLU C 108 -9.73 11.10 43.96
N TYR C 109 -9.09 11.85 43.07
CA TYR C 109 -8.61 11.29 41.80
C TYR C 109 -7.60 10.17 42.04
N LYS C 110 -6.57 10.46 42.84
CA LYS C 110 -5.55 9.46 43.14
C LYS C 110 -6.15 8.27 43.90
N GLU C 111 -7.08 8.55 44.80
CA GLU C 111 -7.70 7.47 45.58
C GLU C 111 -8.48 6.53 44.68
N LYS C 112 -9.27 7.08 43.75
CA LYS C 112 -10.05 6.24 42.85
C LYS C 112 -9.15 5.44 41.93
N LEU C 113 -8.09 6.07 41.40
CA LEU C 113 -7.16 5.34 40.54
C LEU C 113 -6.51 4.18 41.29
N GLU C 114 -6.09 4.42 42.53
CA GLU C 114 -5.45 3.36 43.30
C GLU C 114 -6.43 2.24 43.63
N LYS C 115 -7.67 2.59 43.99
CA LYS C 115 -8.67 1.57 44.26
C LYS C 115 -8.94 0.71 43.03
N GLU C 116 -9.04 1.36 41.86
CA GLU C 116 -9.29 0.61 40.63
C GLU C 116 -8.13 -0.32 40.31
N TYR C 117 -6.89 0.18 40.42
CA TYR C 117 -5.73 -0.67 40.17
C TYR C 117 -5.68 -1.84 41.14
N LYS C 118 -6.03 -1.61 42.41
CA LYS C 118 -5.97 -2.68 43.39
C LYS C 118 -7.03 -3.74 43.13
N LYS C 119 -8.24 -3.31 42.74
CA LYS C 119 -9.26 -4.28 42.34
C LYS C 119 -8.79 -5.10 41.14
N ILE C 120 -8.17 -4.44 40.16
CA ILE C 120 -7.69 -5.15 38.98
C ILE C 120 -6.63 -6.17 39.35
N GLU C 121 -5.65 -5.76 40.16
CA GLU C 121 -4.59 -6.68 40.56
C GLU C 121 -5.13 -7.83 41.38
N GLU C 122 -6.09 -7.56 42.27
CA GLU C 122 -6.71 -8.62 43.06
C GLU C 122 -7.39 -9.64 42.16
N THR C 123 -8.16 -9.16 41.17
CA THR C 123 -8.86 -10.10 40.28
C THR C 123 -7.89 -10.88 39.41
N VAL C 124 -6.81 -10.23 38.96
CA VAL C 124 -5.82 -10.92 38.12
C VAL C 124 -5.13 -12.01 38.93
N GLU C 125 -4.66 -11.67 40.13
CA GLU C 125 -3.89 -12.62 40.92
C GLU C 125 -4.76 -13.70 41.57
N SER C 126 -6.06 -13.45 41.73
CA SER C 126 -6.97 -14.49 42.20
C SER C 126 -7.56 -15.30 41.06
N ASN C 127 -7.27 -14.93 39.81
CA ASN C 127 -7.72 -15.66 38.63
C ASN C 127 -9.25 -15.79 38.58
N LYS C 128 -9.93 -14.66 38.78
CA LYS C 128 -11.37 -14.59 38.67
C LYS C 128 -11.76 -13.93 37.34
N ASP C 129 -13.06 -13.83 37.11
CA ASP C 129 -13.60 -13.21 35.91
C ASP C 129 -14.26 -11.88 36.27
N TYR C 130 -13.79 -10.80 35.66
CA TYR C 130 -14.35 -9.47 35.90
C TYR C 130 -14.23 -8.66 34.63
N GLU C 131 -15.37 -8.24 34.08
CA GLU C 131 -15.40 -7.44 32.87
C GLU C 131 -16.31 -6.23 33.11
N TYR C 132 -15.78 -5.03 32.87
CA TYR C 132 -16.61 -3.85 33.05
C TYR C 132 -16.24 -2.76 32.05
N GLU C 133 -17.27 -2.09 31.53
CA GLU C 133 -17.13 -0.93 30.68
C GLU C 133 -17.75 0.27 31.38
N GLU C 134 -17.23 1.46 31.09
CA GLU C 134 -17.62 2.65 31.84
C GLU C 134 -17.36 3.88 30.98
N GLU C 135 -18.42 4.58 30.60
CA GLU C 135 -18.34 5.80 29.80
C GLU C 135 -19.03 6.92 30.55
N TYR C 136 -18.30 8.00 30.84
CA TYR C 136 -18.82 9.10 31.64
C TYR C 136 -18.51 10.41 30.96
N GLU C 137 -19.45 11.36 31.06
CA GLU C 137 -19.26 12.69 30.48
C GLU C 137 -19.95 13.73 31.34
N ASP C 138 -19.22 14.78 31.70
CA ASP C 138 -19.74 15.94 32.42
C ASP C 138 -19.51 17.14 31.51
N LYS C 139 -20.58 17.60 30.87
CA LYS C 139 -20.48 18.73 29.94
C LYS C 139 -20.27 20.05 30.67
N GLU C 140 -20.73 20.15 31.92
CA GLU C 140 -20.59 21.40 32.67
C GLU C 140 -19.12 21.71 32.93
N THR C 141 -18.41 20.79 33.58
CA THR C 141 -16.99 20.98 33.83
C THR C 141 -16.12 20.56 32.66
N GLY C 142 -16.70 19.93 31.63
CA GLY C 142 -15.95 19.49 30.48
C GLY C 142 -14.97 18.38 30.79
N TYR C 143 -15.44 17.29 31.38
CA TYR C 143 -14.58 16.17 31.76
C TYR C 143 -15.26 14.87 31.38
N LYS C 144 -14.61 14.07 30.52
CA LYS C 144 -15.20 12.82 30.12
C LYS C 144 -14.13 11.74 30.04
N TYR C 145 -14.58 10.49 30.08
CA TYR C 145 -13.66 9.37 29.99
C TYR C 145 -14.39 8.13 29.53
N LYS C 146 -13.61 7.21 28.98
CA LYS C 146 -14.08 5.89 28.56
C LYS C 146 -13.13 4.84 29.10
N LYS C 147 -13.68 3.68 29.45
CA LYS C 147 -12.91 2.66 30.15
C LYS C 147 -13.48 1.30 29.81
N LYS C 148 -12.59 0.33 29.57
CA LYS C 148 -12.98 -1.05 29.30
C LYS C 148 -11.94 -1.96 29.89
N VAL C 149 -12.37 -2.84 30.80
CA VAL C 149 -11.49 -3.78 31.47
C VAL C 149 -12.07 -5.18 31.33
N GLU C 150 -11.21 -6.15 31.05
CA GLU C 150 -11.60 -7.55 30.91
C GLU C 150 -10.49 -8.41 31.50
N ILE C 151 -10.80 -9.06 32.63
CA ILE C 151 -9.87 -9.94 33.32
C ILE C 151 -10.51 -11.32 33.34
N LYS C 152 -9.92 -12.25 32.62
CA LYS C 152 -10.47 -13.59 32.49
C LYS C 152 -9.63 -14.61 33.25
N GLY C 153 -10.26 -15.73 33.60
CA GLY C 153 -9.61 -16.77 34.37
C GLY C 153 -8.59 -17.56 33.58
N SER D 2 14.99 -9.99 14.50
CA SER D 2 16.09 -9.36 15.21
C SER D 2 15.59 -8.28 16.17
N GLU D 3 16.35 -8.05 17.24
CA GLU D 3 15.96 -7.01 18.20
C GLU D 3 16.09 -5.62 17.59
N SER D 4 17.08 -5.43 16.73
CA SER D 4 17.19 -4.17 15.99
C SER D 4 15.97 -3.95 15.11
N LYS D 5 15.49 -5.03 14.46
CA LYS D 5 14.25 -4.94 13.69
C LYS D 5 13.09 -4.51 14.58
N LYS D 6 13.00 -5.07 15.79
CA LYS D 6 11.92 -4.73 16.69
C LYS D 6 11.97 -3.25 17.08
N LEU D 7 13.16 -2.75 17.45
CA LEU D 7 13.28 -1.35 17.81
C LEU D 7 12.95 -0.44 16.63
N ILE D 8 13.41 -0.80 15.43
CA ILE D 8 13.14 0.00 14.25
C ILE D 8 11.64 0.07 13.98
N GLU D 9 10.94 -1.06 14.10
CA GLU D 9 9.51 -1.05 13.81
C GLU D 9 8.71 -0.37 14.92
N GLU D 10 9.16 -0.45 16.17
CA GLU D 10 8.54 0.32 17.23
C GLU D 10 8.65 1.82 16.96
N ALA D 11 9.85 2.27 16.59
CA ALA D 11 10.05 3.68 16.27
C ALA D 11 9.24 4.09 15.04
N LYS D 12 9.11 3.18 14.08
CA LYS D 12 8.31 3.47 12.88
C LYS D 12 6.84 3.66 13.23
N LYS D 13 6.30 2.78 14.07
CA LYS D 13 4.91 2.93 14.48
C LYS D 13 4.71 4.18 15.33
N GLU D 14 5.70 4.54 16.16
CA GLU D 14 5.60 5.78 16.92
C GLU D 14 5.57 6.99 15.99
N PHE D 15 6.43 6.99 14.97
CA PHE D 15 6.44 8.09 14.01
C PHE D 15 5.13 8.17 13.24
N ASP D 16 4.59 7.01 12.84
CA ASP D 16 3.31 7.02 12.13
C ASP D 16 2.17 7.47 13.03
N LYS D 17 2.23 7.14 14.31
CA LYS D 17 1.21 7.60 15.25
C LYS D 17 1.29 9.10 15.47
N GLN D 18 2.50 9.65 15.57
CA GLN D 18 2.65 11.09 15.66
C GLN D 18 2.17 11.78 14.39
N LEU D 19 2.33 11.12 13.25
CA LEU D 19 1.72 11.63 12.02
C LEU D 19 0.21 11.58 12.08
N ALA D 20 -0.35 10.57 12.74
CA ALA D 20 -1.80 10.44 12.82
C ALA D 20 -2.42 11.55 13.64
N GLU D 21 -1.73 11.99 14.69
CA GLU D 21 -2.22 13.10 15.51
C GLU D 21 -2.09 14.44 14.81
N GLY D 22 -1.41 14.49 13.67
CA GLY D 22 -1.19 15.75 12.98
C GLY D 22 -0.19 16.66 13.64
N LYS D 23 0.75 16.12 14.41
CA LYS D 23 1.69 16.94 15.16
C LYS D 23 2.68 17.59 14.22
N LYS D 24 2.97 18.87 14.47
CA LYS D 24 3.89 19.63 13.62
C LYS D 24 5.34 19.54 14.06
N GLU D 25 5.61 19.03 15.25
CA GLU D 25 6.99 18.81 15.72
C GLU D 25 7.13 17.36 16.11
N ILE D 26 7.90 16.60 15.33
CA ILE D 26 8.10 15.18 15.53
C ILE D 26 9.51 14.95 16.06
N ASP D 27 9.61 14.18 17.15
CA ASP D 27 10.88 13.87 17.79
C ASP D 27 10.98 12.36 17.94
N ILE D 28 11.92 11.74 17.22
CA ILE D 28 12.11 10.30 17.23
C ILE D 28 13.51 10.02 17.78
N GLU D 29 13.59 9.23 18.85
CA GLU D 29 14.85 8.86 19.46
C GLU D 29 14.93 7.35 19.55
N ILE D 30 16.00 6.77 18.99
CA ILE D 30 16.20 5.33 18.95
C ILE D 30 17.58 5.02 19.50
N GLU D 31 17.65 4.19 20.53
CA GLU D 31 18.91 3.83 21.15
C GLU D 31 19.05 2.31 21.19
N TYR D 32 20.15 1.81 20.64
CA TYR D 32 20.45 0.40 20.70
C TYR D 32 20.73 0.00 22.15
N PRO D 33 20.31 -1.19 22.59
CA PRO D 33 20.54 -1.59 23.98
C PRO D 33 22.02 -1.67 24.32
N LYS D 34 22.33 -1.32 25.57
CA LYS D 34 23.71 -1.32 26.04
C LYS D 34 24.29 -2.73 26.02
N LYS D 35 25.16 -3.01 25.06
CA LYS D 35 25.75 -4.33 24.90
C LYS D 35 27.24 -4.20 24.64
N LYS D 36 27.92 -5.34 24.59
CA LYS D 36 29.35 -5.39 24.28
C LYS D 36 29.55 -5.40 22.78
N TYR D 37 30.81 -5.49 22.35
CA TYR D 37 31.15 -5.45 20.93
C TYR D 37 31.10 -6.83 20.30
N ASP D 38 31.87 -7.78 20.85
CA ASP D 38 32.03 -9.09 20.25
C ASP D 38 30.72 -9.89 20.20
N GLU D 39 29.68 -9.45 20.89
CA GLU D 39 28.43 -10.18 20.93
C GLU D 39 27.32 -9.55 20.09
N ASN D 40 27.49 -8.29 19.65
CA ASN D 40 26.40 -7.61 18.96
C ASN D 40 26.89 -6.59 17.93
N TYR D 41 28.02 -6.85 17.27
CA TYR D 41 28.53 -5.86 16.31
C TYR D 41 27.85 -6.01 14.95
N LYS D 42 27.55 -7.24 14.53
CA LYS D 42 26.77 -7.43 13.31
C LYS D 42 25.36 -6.90 13.47
N GLU D 43 24.74 -7.15 14.62
CA GLU D 43 23.42 -6.59 14.91
C GLU D 43 23.49 -5.06 14.97
N ALA D 44 24.59 -4.50 15.45
CA ALA D 44 24.74 -3.05 15.47
C ALA D 44 24.85 -2.48 14.06
N LEU D 45 25.57 -3.16 13.17
CA LEU D 45 25.65 -2.72 11.78
C LEU D 45 24.27 -2.78 11.12
N GLU D 46 23.54 -3.87 11.35
CA GLU D 46 22.16 -3.94 10.85
C GLU D 46 21.32 -2.80 11.39
N PHE D 47 21.48 -2.48 12.68
CA PHE D 47 20.77 -1.38 13.28
C PHE D 47 21.07 -0.06 12.58
N ILE D 48 22.35 0.19 12.29
CA ILE D 48 22.74 1.43 11.62
C ILE D 48 22.13 1.50 10.22
N LYS D 49 22.17 0.39 9.48
CA LYS D 49 21.62 0.39 8.13
C LYS D 49 20.11 0.63 8.16
N LEU D 50 19.40 -0.06 9.05
CA LEU D 50 17.96 0.15 9.16
C LEU D 50 17.64 1.57 9.58
N ASN D 51 18.47 2.16 10.45
CA ASN D 51 18.23 3.54 10.86
C ASN D 51 18.45 4.52 9.71
N SER D 52 19.43 4.25 8.85
CA SER D 52 19.63 5.11 7.70
C SER D 52 18.44 5.06 6.74
N GLU D 53 17.98 3.85 6.42
CA GLU D 53 16.80 3.73 5.57
C GLU D 53 15.58 4.37 6.22
N LEU D 54 15.45 4.22 7.54
CA LEU D 54 14.35 4.83 8.27
C LEU D 54 14.42 6.35 8.23
N ARG D 55 15.64 6.91 8.26
CA ARG D 55 15.79 8.35 8.14
C ARG D 55 15.36 8.84 6.76
N VAL D 56 15.72 8.10 5.72
CA VAL D 56 15.28 8.45 4.37
C VAL D 56 13.74 8.50 4.32
N GLU D 57 13.10 7.43 4.81
CA GLU D 57 11.64 7.40 4.79
C GLU D 57 11.03 8.47 5.68
N TYR D 58 11.70 8.80 6.79
CA TYR D 58 11.24 9.85 7.68
C TYR D 58 11.22 11.20 6.97
N VAL D 59 12.32 11.53 6.29
CA VAL D 59 12.39 12.79 5.55
C VAL D 59 11.29 12.83 4.49
N LYS D 60 11.11 11.72 3.77
CA LYS D 60 10.05 11.66 2.76
C LYS D 60 8.69 11.98 3.37
N LYS D 61 8.31 11.24 4.43
CA LYS D 61 6.98 11.39 5.00
C LYS D 61 6.79 12.78 5.62
N SER D 62 7.81 13.28 6.31
CA SER D 62 7.68 14.58 6.98
C SER D 62 7.62 15.72 5.98
N ARG D 63 8.33 15.61 4.85
CA ARG D 63 8.21 16.63 3.81
C ARG D 63 6.84 16.57 3.14
N GLU D 64 6.31 15.36 2.95
CA GLU D 64 4.99 15.23 2.32
C GLU D 64 3.85 15.59 3.25
N ALA D 65 4.07 15.58 4.57
CA ALA D 65 3.01 15.86 5.53
C ALA D 65 3.04 17.30 6.04
N GLY D 66 4.06 18.08 5.70
CA GLY D 66 4.11 19.45 6.14
C GLY D 66 4.51 19.60 7.60
N VAL D 67 5.55 18.88 8.01
CA VAL D 67 6.03 18.93 9.37
C VAL D 67 6.89 20.17 9.56
N GLU D 68 6.66 20.89 10.67
CA GLU D 68 7.42 22.10 10.96
C GLU D 68 8.83 21.79 11.45
N LYS D 69 8.99 20.74 12.26
CA LYS D 69 10.30 20.38 12.78
C LYS D 69 10.37 18.87 12.95
N LEU D 70 11.44 18.27 12.43
CA LEU D 70 11.70 16.84 12.56
C LEU D 70 13.05 16.65 13.23
N THR D 71 13.06 15.89 14.33
CA THR D 71 14.27 15.58 15.06
C THR D 71 14.45 14.07 15.11
N ILE D 72 15.61 13.60 14.67
CA ILE D 72 15.91 12.17 14.61
C ILE D 72 17.23 11.91 15.32
N LYS D 73 17.24 10.97 16.26
CA LYS D 73 18.43 10.65 17.03
C LYS D 73 18.64 9.15 17.04
N THR D 74 19.87 8.73 16.74
CA THR D 74 20.28 7.33 16.75
C THR D 74 21.54 7.19 17.57
N LYS D 75 21.58 6.18 18.45
CA LYS D 75 22.69 6.00 19.37
C LYS D 75 23.01 4.52 19.49
N VAL D 76 24.31 4.18 19.36
CA VAL D 76 24.82 2.84 19.54
C VAL D 76 26.16 2.96 20.25
N LYS D 77 26.37 2.16 21.30
CA LYS D 77 27.64 2.17 22.01
C LYS D 77 27.94 0.75 22.47
N LEU D 78 28.89 0.10 21.83
CA LEU D 78 29.34 -1.24 22.21
C LEU D 78 30.61 -1.11 23.03
N GLU D 79 30.50 -1.33 24.33
CA GLU D 79 31.65 -1.24 25.20
C GLU D 79 32.68 -2.33 24.85
N PRO D 80 33.97 -2.03 24.99
CA PRO D 80 34.99 -3.06 24.76
C PRO D 80 35.15 -3.96 25.97
N THR D 81 36.19 -4.79 25.96
CA THR D 81 36.57 -5.60 27.12
C THR D 81 37.94 -5.15 27.59
N GLU D 82 38.31 -5.59 28.80
CA GLU D 82 39.59 -5.20 29.36
C GLU D 82 40.76 -5.80 28.57
N ASN D 83 40.51 -6.82 27.75
CA ASN D 83 41.52 -7.45 26.94
C ASN D 83 41.59 -6.91 25.51
N SER D 84 40.44 -6.54 24.94
CA SER D 84 40.39 -6.03 23.57
C SER D 84 39.70 -4.68 23.55
N ASP D 85 40.34 -3.70 22.92
CA ASP D 85 39.81 -2.35 22.81
C ASP D 85 38.69 -2.24 21.77
N HIS D 86 38.36 -3.33 21.08
CA HIS D 86 37.35 -3.37 20.02
C HIS D 86 36.07 -2.66 20.45
N LYS D 87 35.74 -1.56 19.79
CA LYS D 87 34.55 -0.79 20.17
C LYS D 87 33.91 -0.16 18.94
N LEU D 88 32.59 0.01 19.03
CA LEU D 88 31.79 0.65 17.98
C LEU D 88 30.88 1.67 18.65
N ASP D 89 31.10 2.95 18.35
CA ASP D 89 30.33 4.04 18.92
C ASP D 89 29.76 4.87 17.78
N TYR D 90 28.46 5.15 17.82
CA TYR D 90 27.77 5.85 16.74
C TYR D 90 26.69 6.72 17.36
N GLU D 91 26.69 8.01 17.01
CA GLU D 91 25.66 8.91 17.49
C GLU D 91 25.35 9.92 16.39
N TYR D 92 24.06 10.05 16.08
CA TYR D 92 23.62 10.83 14.93
C TYR D 92 22.34 11.57 15.32
N GLU D 93 22.36 12.90 15.26
CA GLU D 93 21.21 13.70 15.65
C GLU D 93 20.98 14.77 14.58
N GLU D 94 19.77 14.81 14.04
CA GLU D 94 19.39 15.75 13.00
C GLU D 94 18.15 16.53 13.43
N GLU D 95 18.16 17.84 13.16
CA GLU D 95 17.00 18.70 13.31
C GLU D 95 16.77 19.43 11.98
N MET D 96 15.57 19.26 11.43
CA MET D 96 15.23 19.82 10.13
C MET D 96 13.92 20.59 10.22
N SER D 97 13.93 21.83 9.79
CA SER D 97 12.73 22.65 9.81
C SER D 97 11.86 22.35 8.58
N LYS D 98 10.77 23.10 8.43
CA LYS D 98 9.91 22.92 7.27
C LYS D 98 10.66 23.21 5.97
N LYS D 99 11.35 24.35 5.92
CA LYS D 99 12.13 24.69 4.74
C LYS D 99 13.26 23.69 4.50
N ALA D 100 13.85 23.18 5.59
CA ALA D 100 14.87 22.15 5.46
C ALA D 100 14.30 20.88 4.85
N LEU D 101 13.12 20.44 5.33
CA LEU D 101 12.48 19.27 4.75
C LEU D 101 12.11 19.48 3.29
N GLU D 102 11.78 20.73 2.92
CA GLU D 102 11.41 21.00 1.53
C GLU D 102 12.62 20.98 0.61
N LYS D 103 13.71 21.64 1.02
CA LYS D 103 14.87 21.84 0.15
C LYS D 103 15.91 20.74 0.26
N THR D 104 15.58 19.61 0.88
CA THR D 104 16.54 18.53 1.03
C THR D 104 16.62 17.70 -0.25
N ASP D 105 17.84 17.56 -0.78
CA ASP D 105 18.10 16.67 -1.90
C ASP D 105 18.01 15.23 -1.40
N GLU D 106 16.88 14.58 -1.68
CA GLU D 106 16.69 13.20 -1.21
C GLU D 106 17.68 12.24 -1.86
N LYS D 107 18.03 12.48 -3.12
CA LYS D 107 18.98 11.61 -3.81
C LYS D 107 20.35 11.63 -3.12
N GLU D 108 20.90 12.84 -2.94
CA GLU D 108 22.19 12.97 -2.27
C GLU D 108 22.10 12.55 -0.81
N TYR D 109 20.94 12.74 -0.18
CA TYR D 109 20.76 12.31 1.21
C TYR D 109 20.88 10.79 1.33
N LYS D 110 20.13 10.06 0.50
CA LYS D 110 20.20 8.60 0.53
C LYS D 110 21.59 8.12 0.12
N GLU D 111 22.21 8.78 -0.86
CA GLU D 111 23.55 8.39 -1.29
C GLU D 111 24.56 8.57 -0.17
N LYS D 112 24.49 9.70 0.54
CA LYS D 112 25.41 9.94 1.66
C LYS D 112 25.21 8.92 2.77
N LEU D 113 23.95 8.63 3.12
CA LEU D 113 23.69 7.64 4.15
C LEU D 113 24.23 6.27 3.77
N GLU D 114 24.01 5.86 2.51
CA GLU D 114 24.48 4.55 2.06
C GLU D 114 25.99 4.47 2.06
N LYS D 115 26.67 5.51 1.55
CA LYS D 115 28.12 5.49 1.53
C LYS D 115 28.71 5.52 2.94
N GLU D 116 28.08 6.26 3.85
CA GLU D 116 28.54 6.29 5.23
C GLU D 116 28.42 4.92 5.88
N TYR D 117 27.27 4.26 5.66
CA TYR D 117 27.12 2.92 6.20
C TYR D 117 28.11 1.94 5.60
N LYS D 118 28.38 2.07 4.29
CA LYS D 118 29.33 1.16 3.66
C LYS D 118 30.73 1.35 4.23
N LYS D 119 31.15 2.60 4.43
CA LYS D 119 32.45 2.84 5.04
C LYS D 119 32.50 2.31 6.47
N ILE D 120 31.43 2.49 7.23
CA ILE D 120 31.38 1.99 8.61
C ILE D 120 31.50 0.47 8.62
N GLU D 121 30.74 -0.20 7.76
CA GLU D 121 30.75 -1.66 7.72
C GLU D 121 32.11 -2.19 7.29
N GLU D 122 32.72 -1.57 6.28
CA GLU D 122 34.04 -2.01 5.82
C GLU D 122 35.10 -1.79 6.89
N THR D 123 35.01 -0.70 7.64
CA THR D 123 35.97 -0.46 8.72
C THR D 123 35.77 -1.46 9.86
N VAL D 124 34.51 -1.82 10.14
CA VAL D 124 34.25 -2.79 11.21
C VAL D 124 34.76 -4.17 10.81
N GLU D 125 34.48 -4.60 9.58
CA GLU D 125 34.82 -5.96 9.18
C GLU D 125 36.31 -6.14 8.96
N SER D 126 37.03 -5.08 8.60
CA SER D 126 38.46 -5.19 8.34
C SER D 126 39.32 -4.87 9.58
N ASN D 127 38.69 -4.58 10.72
CA ASN D 127 39.39 -4.37 11.98
C ASN D 127 40.37 -3.19 11.89
N LYS D 128 39.87 -2.07 11.41
CA LYS D 128 40.65 -0.84 11.29
C LYS D 128 40.17 0.17 12.33
N ASP D 129 40.84 1.32 12.36
CA ASP D 129 40.48 2.42 13.26
C ASP D 129 39.99 3.60 12.44
N TYR D 130 38.81 4.12 12.81
CA TYR D 130 38.21 5.24 12.10
C TYR D 130 37.36 6.02 13.09
N GLU D 131 37.77 7.25 13.39
CA GLU D 131 37.04 8.12 14.30
C GLU D 131 36.79 9.43 13.58
N TYR D 132 35.52 9.83 13.46
CA TYR D 132 35.20 11.12 12.86
C TYR D 132 33.99 11.75 13.54
N GLU D 133 34.11 13.04 13.81
CA GLU D 133 33.03 13.86 14.33
C GLU D 133 32.63 14.87 13.26
N GLU D 134 31.38 15.33 13.34
CA GLU D 134 30.81 16.18 12.31
C GLU D 134 29.73 17.05 12.95
N GLU D 135 29.77 18.35 12.67
CA GLU D 135 28.78 19.29 13.15
C GLU D 135 28.46 20.27 12.04
N TYR D 136 27.20 20.29 11.61
CA TYR D 136 26.80 21.11 10.48
C TYR D 136 25.56 21.91 10.85
N GLU D 137 25.49 23.15 10.37
CA GLU D 137 24.35 24.02 10.67
C GLU D 137 24.14 24.98 9.51
N ASP D 138 23.00 24.85 8.85
CA ASP D 138 22.51 25.79 7.84
C ASP D 138 21.37 26.55 8.50
N LYS D 139 21.63 27.80 8.90
CA LYS D 139 20.62 28.59 9.58
C LYS D 139 19.61 29.21 8.63
N GLU D 140 20.01 29.45 7.37
CA GLU D 140 19.05 29.96 6.40
C GLU D 140 17.96 28.94 6.11
N THR D 141 18.34 27.66 5.97
CA THR D 141 17.39 26.59 5.69
C THR D 141 16.79 25.99 6.96
N GLY D 142 17.39 26.24 8.12
CA GLY D 142 16.89 25.64 9.35
C GLY D 142 17.26 24.20 9.54
N TYR D 143 18.45 23.78 9.08
CA TYR D 143 18.89 22.40 9.15
C TYR D 143 20.15 22.32 10.01
N LYS D 144 20.27 21.25 10.77
CA LYS D 144 21.49 21.08 11.57
C LYS D 144 21.62 19.63 11.98
N TYR D 145 22.86 19.19 12.18
CA TYR D 145 23.08 17.84 12.65
C TYR D 145 24.43 17.72 13.33
N LYS D 146 24.51 16.78 14.26
CA LYS D 146 25.72 16.43 14.97
C LYS D 146 25.91 14.92 14.92
N LYS D 147 27.11 14.49 14.56
CA LYS D 147 27.41 13.08 14.38
C LYS D 147 28.79 12.78 14.97
N LYS D 148 28.91 11.61 15.59
CA LYS D 148 30.18 11.15 16.13
C LYS D 148 30.26 9.64 15.94
N VAL D 149 31.28 9.18 15.22
CA VAL D 149 31.50 7.76 14.98
C VAL D 149 32.92 7.41 15.41
N GLU D 150 33.05 6.28 16.09
CA GLU D 150 34.35 5.81 16.57
C GLU D 150 34.37 4.30 16.47
N ILE D 151 35.12 3.77 15.51
CA ILE D 151 35.27 2.35 15.29
C ILE D 151 36.73 2.00 15.57
N LYS D 152 36.96 1.27 16.64
CA LYS D 152 38.33 0.88 17.02
C LYS D 152 38.43 -0.63 16.95
N GLY D 153 39.35 -1.12 16.12
CA GLY D 153 39.55 -2.54 15.97
C GLY D 153 40.40 -3.11 17.09
N GLY D 154 40.12 -4.37 17.44
CA GLY D 154 40.84 -5.05 18.49
C GLY D 154 42.06 -5.80 17.99
N GLU E 3 7.03 -38.40 -23.05
CA GLU E 3 7.49 -39.16 -21.89
C GLU E 3 7.89 -38.22 -20.75
N SER E 4 8.33 -37.02 -21.13
CA SER E 4 8.72 -36.04 -20.11
C SER E 4 7.50 -35.55 -19.33
N LYS E 5 6.37 -35.37 -20.01
CA LYS E 5 5.17 -34.86 -19.35
C LYS E 5 4.70 -35.80 -18.24
N LYS E 6 4.86 -37.11 -18.43
CA LYS E 6 4.42 -38.08 -17.43
C LYS E 6 5.20 -37.91 -16.13
N LEU E 7 6.53 -37.89 -16.22
CA LEU E 7 7.35 -37.71 -15.02
C LEU E 7 7.12 -36.34 -14.41
N ILE E 8 6.92 -35.32 -15.24
CA ILE E 8 6.71 -33.97 -14.72
C ILE E 8 5.40 -33.90 -13.95
N GLU E 9 4.34 -34.52 -14.46
CA GLU E 9 3.06 -34.50 -13.76
C GLU E 9 3.10 -35.36 -12.49
N GLU E 10 3.81 -36.49 -12.53
CA GLU E 10 3.98 -37.27 -11.30
C GLU E 10 4.72 -36.45 -10.25
N ALA E 11 5.75 -35.71 -10.66
CA ALA E 11 6.45 -34.82 -9.73
C ALA E 11 5.52 -33.77 -9.17
N LYS E 12 4.70 -33.16 -10.04
CA LYS E 12 3.74 -32.16 -9.60
C LYS E 12 2.80 -32.71 -8.54
N LYS E 13 2.22 -33.88 -8.79
CA LYS E 13 1.23 -34.43 -7.88
C LYS E 13 1.87 -34.91 -6.57
N GLU E 14 3.08 -35.46 -6.65
CA GLU E 14 3.77 -35.85 -5.41
C GLU E 14 4.13 -34.63 -4.58
N PHE E 15 4.60 -33.56 -5.23
CA PHE E 15 4.88 -32.33 -4.52
C PHE E 15 3.63 -31.75 -3.89
N ASP E 16 2.50 -31.81 -4.60
CA ASP E 16 1.26 -31.28 -4.06
C ASP E 16 0.75 -32.11 -2.88
N LYS E 17 0.92 -33.43 -2.95
CA LYS E 17 0.53 -34.27 -1.82
C LYS E 17 1.43 -34.05 -0.62
N GLN E 18 2.71 -33.78 -0.85
CA GLN E 18 3.60 -33.44 0.26
C GLN E 18 3.24 -32.08 0.85
N LEU E 19 2.82 -31.13 0.00
CA LEU E 19 2.26 -29.88 0.50
C LEU E 19 1.03 -30.14 1.36
N ALA E 20 0.20 -31.10 0.94
CA ALA E 20 -1.02 -31.41 1.67
C ALA E 20 -0.72 -31.99 3.04
N GLU E 21 0.22 -32.95 3.10
CA GLU E 21 0.55 -33.58 4.37
C GLU E 21 1.13 -32.56 5.36
N GLY E 22 1.88 -31.59 4.87
CA GLY E 22 2.43 -30.55 5.72
C GLY E 22 3.85 -30.77 6.20
N LYS E 23 4.64 -31.56 5.48
CA LYS E 23 6.03 -31.75 5.87
C LYS E 23 6.82 -30.46 5.68
N LYS E 24 7.62 -30.10 6.68
CA LYS E 24 8.40 -28.87 6.61
C LYS E 24 9.59 -28.98 5.68
N GLU E 25 9.90 -30.17 5.16
CA GLU E 25 11.02 -30.35 4.25
C GLU E 25 10.57 -31.24 3.10
N ILE E 26 10.59 -30.69 1.89
CA ILE E 26 10.13 -31.38 0.69
C ILE E 26 11.33 -31.69 -0.19
N ASP E 27 11.36 -32.91 -0.73
CA ASP E 27 12.44 -33.36 -1.60
C ASP E 27 11.84 -33.92 -2.88
N ILE E 28 12.38 -33.49 -4.02
CA ILE E 28 11.92 -33.96 -5.33
C ILE E 28 13.14 -34.27 -6.19
N GLU E 29 13.15 -35.46 -6.78
CA GLU E 29 14.23 -35.91 -7.65
C GLU E 29 13.61 -36.51 -8.91
N ILE E 30 13.79 -35.83 -10.03
CA ILE E 30 13.21 -36.24 -11.31
C ILE E 30 14.34 -36.46 -12.31
N GLU E 31 14.30 -37.58 -13.01
CA GLU E 31 15.37 -37.98 -13.92
C GLU E 31 14.77 -38.38 -15.26
N TYR E 32 15.40 -37.91 -16.34
CA TYR E 32 15.02 -38.31 -17.68
C TYR E 32 15.64 -39.66 -18.01
N PRO E 33 14.85 -40.65 -18.47
CA PRO E 33 15.32 -42.00 -18.77
C PRO E 33 16.44 -42.04 -19.82
N TYR E 41 17.18 -36.27 -27.62
CA TYR E 41 17.80 -35.04 -28.13
C TYR E 41 16.87 -33.85 -27.95
N LYS E 42 15.89 -33.73 -28.84
CA LYS E 42 14.92 -32.65 -28.71
C LYS E 42 13.99 -32.88 -27.52
N GLU E 43 13.77 -34.14 -27.14
CA GLU E 43 12.94 -34.41 -25.97
C GLU E 43 13.64 -34.01 -24.67
N ALA E 44 14.97 -34.11 -24.63
CA ALA E 44 15.70 -33.72 -23.43
C ALA E 44 15.67 -32.21 -23.23
N LEU E 45 15.73 -31.44 -24.32
CA LEU E 45 15.59 -29.99 -24.19
C LEU E 45 14.22 -29.62 -23.63
N GLU E 46 13.17 -30.26 -24.14
CA GLU E 46 11.83 -30.04 -23.58
C GLU E 46 11.77 -30.44 -22.11
N PHE E 47 12.44 -31.54 -21.76
CA PHE E 47 12.50 -31.98 -20.37
C PHE E 47 13.13 -30.91 -19.48
N ILE E 48 14.26 -30.37 -19.90
CA ILE E 48 14.95 -29.35 -19.12
C ILE E 48 14.11 -28.08 -18.99
N LYS E 49 13.48 -27.66 -20.09
CA LYS E 49 12.65 -26.45 -20.05
C LYS E 49 11.47 -26.63 -19.12
N LEU E 50 10.76 -27.76 -19.23
CA LEU E 50 9.65 -28.03 -18.33
C LEU E 50 10.11 -28.09 -16.88
N ASN E 51 11.30 -28.67 -16.64
CA ASN E 51 11.78 -28.77 -15.27
C ASN E 51 12.11 -27.40 -14.69
N SER E 52 12.65 -26.49 -15.51
CA SER E 52 12.95 -25.14 -15.01
C SER E 52 11.66 -24.39 -14.71
N GLU E 53 10.70 -24.45 -15.65
CA GLU E 53 9.41 -23.81 -15.41
C GLU E 53 8.70 -24.43 -14.21
N LEU E 54 8.99 -25.69 -13.91
CA LEU E 54 8.42 -26.34 -12.73
C LEU E 54 9.15 -25.92 -11.45
N ARG E 55 10.45 -25.69 -11.53
CA ARG E 55 11.20 -25.21 -10.36
C ARG E 55 10.71 -23.83 -9.94
N VAL E 56 10.39 -22.98 -10.91
CA VAL E 56 9.84 -21.66 -10.56
C VAL E 56 8.54 -21.81 -9.78
N GLU E 57 7.64 -22.67 -10.27
CA GLU E 57 6.37 -22.87 -9.59
C GLU E 57 6.57 -23.52 -8.22
N TYR E 58 7.55 -24.40 -8.10
CA TYR E 58 7.85 -25.00 -6.80
C TYR E 58 8.33 -23.95 -5.81
N VAL E 59 9.20 -23.04 -6.26
CA VAL E 59 9.63 -21.95 -5.39
C VAL E 59 8.44 -21.12 -4.95
N LYS E 60 7.52 -20.83 -5.87
CA LYS E 60 6.32 -20.07 -5.52
C LYS E 60 5.50 -20.79 -4.45
N LYS E 61 5.18 -22.06 -4.68
CA LYS E 61 4.33 -22.78 -3.74
C LYS E 61 5.00 -23.01 -2.39
N SER E 62 6.33 -23.19 -2.38
CA SER E 62 7.03 -23.36 -1.11
C SER E 62 7.13 -22.04 -0.35
N ARG E 63 7.26 -20.93 -1.07
CA ARG E 63 7.19 -19.62 -0.42
C ARG E 63 5.80 -19.38 0.16
N GLU E 64 4.77 -19.88 -0.50
CA GLU E 64 3.42 -19.72 0.03
C GLU E 64 3.18 -20.60 1.25
N ALA E 65 3.63 -21.85 1.21
CA ALA E 65 3.34 -22.81 2.26
C ALA E 65 4.23 -22.67 3.48
N GLY E 66 5.25 -21.81 3.43
CA GLY E 66 6.16 -21.68 4.55
C GLY E 66 7.03 -22.89 4.79
N VAL E 67 7.43 -23.59 3.74
CA VAL E 67 8.26 -24.78 3.87
C VAL E 67 9.65 -24.38 4.35
N GLU E 68 10.20 -25.16 5.29
CA GLU E 68 11.50 -24.86 5.86
C GLU E 68 12.65 -25.21 4.93
N LYS E 69 12.50 -26.24 4.10
CA LYS E 69 13.56 -26.60 3.16
C LYS E 69 12.95 -27.24 1.92
N LEU E 70 13.44 -26.82 0.75
CA LEU E 70 13.00 -27.33 -0.54
C LEU E 70 14.21 -27.82 -1.31
N THR E 71 14.14 -29.05 -1.81
CA THR E 71 15.22 -29.66 -2.57
C THR E 71 14.67 -30.13 -3.92
N ILE E 72 15.31 -29.69 -5.00
CA ILE E 72 14.89 -30.02 -6.36
C ILE E 72 16.10 -30.53 -7.13
N LYS E 73 15.98 -31.72 -7.71
CA LYS E 73 17.08 -32.32 -8.46
C LYS E 73 16.57 -32.77 -9.82
N THR E 74 17.34 -32.45 -10.86
CA THR E 74 17.02 -32.79 -12.24
C THR E 74 18.24 -33.44 -12.87
N LYS E 75 18.02 -34.55 -13.57
CA LYS E 75 19.11 -35.34 -14.13
C LYS E 75 18.73 -35.81 -15.53
N VAL E 76 19.58 -35.50 -16.51
CA VAL E 76 19.40 -35.89 -17.90
C VAL E 76 20.72 -36.44 -18.39
N LYS E 77 20.68 -37.59 -19.08
CA LYS E 77 21.88 -38.23 -19.59
C LYS E 77 21.55 -38.89 -20.93
N LEU E 78 22.21 -38.42 -22.00
CA LEU E 78 22.01 -38.95 -23.34
C LEU E 78 23.33 -39.55 -23.82
N GLU E 79 23.36 -40.85 -24.03
CA GLU E 79 24.57 -41.50 -24.49
C GLU E 79 24.79 -41.22 -25.98
N PRO E 80 26.04 -41.07 -26.42
CA PRO E 80 26.29 -40.77 -27.83
C PRO E 80 26.02 -41.97 -28.71
N THR E 81 25.56 -41.68 -29.93
CA THR E 81 25.41 -42.72 -30.93
C THR E 81 26.76 -43.07 -31.53
N GLU E 82 26.83 -44.23 -32.19
CA GLU E 82 28.07 -44.70 -32.78
C GLU E 82 28.55 -43.74 -33.87
N ASN E 83 29.73 -43.17 -33.67
CA ASN E 83 30.31 -42.19 -34.58
C ASN E 83 29.36 -41.02 -34.83
N HIS E 86 26.90 -36.60 -30.78
CA HIS E 86 26.09 -35.82 -29.85
C HIS E 86 26.16 -36.40 -28.44
N LYS E 87 26.19 -35.52 -27.44
CA LYS E 87 26.20 -35.93 -26.04
C LYS E 87 25.60 -34.82 -25.21
N LEU E 88 24.69 -35.16 -24.30
CA LEU E 88 24.03 -34.16 -23.46
C LEU E 88 23.89 -34.72 -22.05
N ASP E 89 24.62 -34.13 -21.10
CA ASP E 89 24.54 -34.48 -19.69
C ASP E 89 24.19 -33.23 -18.90
N TYR E 90 23.24 -33.35 -17.99
CA TYR E 90 22.71 -32.19 -17.27
C TYR E 90 22.27 -32.62 -15.88
N GLU E 91 22.93 -32.10 -14.85
CA GLU E 91 22.57 -32.39 -13.47
C GLU E 91 22.46 -31.08 -12.71
N TYR E 92 21.30 -30.83 -12.12
CA TYR E 92 21.01 -29.58 -11.42
C TYR E 92 20.35 -29.91 -10.09
N GLU E 93 21.03 -29.59 -9.00
CA GLU E 93 20.50 -29.81 -7.66
C GLU E 93 20.45 -28.48 -6.92
N GLU E 94 19.32 -28.21 -6.27
CA GLU E 94 19.09 -26.94 -5.59
C GLU E 94 18.47 -27.22 -4.23
N GLU E 95 19.02 -26.57 -3.20
CA GLU E 95 18.52 -26.67 -1.83
C GLU E 95 18.31 -25.28 -1.29
N MET E 96 17.09 -24.98 -0.84
CA MET E 96 16.71 -23.64 -0.43
C MET E 96 15.99 -23.72 0.92
N SER E 97 16.48 -22.94 1.89
CA SER E 97 15.82 -22.88 3.19
C SER E 97 14.59 -21.98 3.11
N LYS E 98 13.94 -21.79 4.26
CA LYS E 98 12.75 -20.94 4.30
C LYS E 98 13.11 -19.47 4.08
N LYS E 99 14.23 -19.01 4.66
CA LYS E 99 14.70 -17.66 4.40
C LYS E 99 15.14 -17.49 2.96
N ALA E 100 15.74 -18.54 2.37
CA ALA E 100 16.11 -18.50 0.96
C ALA E 100 14.87 -18.33 0.08
N LEU E 101 13.86 -19.18 0.29
CA LEU E 101 12.61 -19.02 -0.44
C LEU E 101 11.96 -17.67 -0.16
N GLU E 102 12.24 -17.08 1.00
CA GLU E 102 11.67 -15.78 1.33
C GLU E 102 12.34 -14.66 0.55
N LYS E 103 13.65 -14.75 0.34
CA LYS E 103 14.41 -13.72 -0.38
C LYS E 103 14.53 -13.99 -1.87
N THR E 104 13.86 -15.02 -2.38
CA THR E 104 14.02 -15.38 -3.79
C THR E 104 13.29 -14.39 -4.68
N ASP E 105 14.03 -13.66 -5.49
CA ASP E 105 13.44 -12.84 -6.54
C ASP E 105 12.91 -13.77 -7.62
N GLU E 106 11.59 -13.92 -7.69
CA GLU E 106 10.99 -14.89 -8.60
C GLU E 106 11.32 -14.56 -10.05
N LYS E 107 11.26 -13.29 -10.42
CA LYS E 107 11.48 -12.92 -11.82
C LYS E 107 12.93 -13.12 -12.23
N GLU E 108 13.87 -12.73 -11.37
CA GLU E 108 15.27 -12.94 -11.70
C GLU E 108 15.62 -14.43 -11.71
N TYR E 109 15.00 -15.21 -10.84
CA TYR E 109 15.18 -16.66 -10.86
C TYR E 109 14.72 -17.25 -12.19
N LYS E 110 13.52 -16.85 -12.63
CA LYS E 110 13.01 -17.30 -13.93
C LYS E 110 13.92 -16.84 -15.06
N GLU E 111 14.45 -15.62 -14.97
CA GLU E 111 15.34 -15.10 -16.00
C GLU E 111 16.62 -15.91 -16.08
N LYS E 112 17.20 -16.24 -14.92
CA LYS E 112 18.41 -17.06 -14.88
C LYS E 112 18.16 -18.43 -15.49
N LEU E 113 17.05 -19.07 -15.10
CA LEU E 113 16.72 -20.38 -15.65
C LEU E 113 16.55 -20.33 -17.16
N GLU E 114 15.81 -19.33 -17.66
CA GLU E 114 15.58 -19.22 -19.09
C GLU E 114 16.88 -18.95 -19.84
N LYS E 115 17.73 -18.08 -19.30
CA LYS E 115 19.01 -17.78 -19.95
C LYS E 115 19.87 -19.04 -20.05
N GLU E 116 19.95 -19.81 -18.97
CA GLU E 116 20.74 -21.03 -19.01
C GLU E 116 20.17 -22.05 -19.99
N TYR E 117 18.85 -22.21 -20.00
CA TYR E 117 18.24 -23.15 -20.93
C TYR E 117 18.46 -22.73 -22.37
N LYS E 118 18.39 -21.42 -22.64
CA LYS E 118 18.64 -20.93 -23.99
C LYS E 118 20.08 -21.20 -24.41
N LYS E 119 21.04 -21.02 -23.50
CA LYS E 119 22.41 -21.36 -23.80
C LYS E 119 22.57 -22.84 -24.11
N ILE E 120 21.90 -23.69 -23.33
CA ILE E 120 21.97 -25.14 -23.55
C ILE E 120 21.44 -25.49 -24.93
N GLU E 121 20.25 -24.97 -25.27
CA GLU E 121 19.64 -25.27 -26.56
C GLU E 121 20.50 -24.77 -27.72
N GLU E 122 20.99 -23.53 -27.61
CA GLU E 122 21.83 -22.95 -28.65
C GLU E 122 23.08 -23.78 -28.87
N THR E 123 23.73 -24.21 -27.79
CA THR E 123 24.97 -24.98 -27.95
C THR E 123 24.69 -26.37 -28.50
N VAL E 124 23.61 -27.02 -28.03
CA VAL E 124 23.32 -28.37 -28.49
C VAL E 124 22.83 -28.39 -29.93
N GLU E 125 22.29 -27.28 -30.43
CA GLU E 125 21.81 -27.24 -31.80
C GLU E 125 22.81 -26.64 -32.78
N SER E 126 23.94 -26.12 -32.31
CA SER E 126 24.93 -25.48 -33.17
C SER E 126 26.19 -26.33 -33.35
N ASN E 127 26.15 -27.60 -32.95
CA ASN E 127 27.28 -28.52 -33.10
C ASN E 127 28.53 -27.97 -32.41
N LYS E 128 28.35 -27.35 -31.25
CA LYS E 128 29.44 -26.84 -30.44
C LYS E 128 29.67 -27.73 -29.24
N ASP E 129 30.85 -27.59 -28.64
CA ASP E 129 31.22 -28.31 -27.42
C ASP E 129 31.27 -27.32 -26.26
N TYR E 130 30.61 -27.66 -25.16
CA TYR E 130 30.55 -26.77 -24.00
C TYR E 130 30.21 -27.61 -22.78
N GLU E 131 31.15 -27.75 -21.87
CA GLU E 131 30.89 -28.36 -20.57
C GLU E 131 31.28 -27.39 -19.46
N TYR E 132 30.50 -27.38 -18.40
CA TYR E 132 30.77 -26.49 -17.28
C TYR E 132 30.20 -27.09 -16.00
N GLU E 133 30.82 -26.72 -14.88
CA GLU E 133 30.41 -27.15 -13.56
C GLU E 133 30.30 -25.91 -12.67
N GLU E 134 29.34 -25.93 -11.75
CA GLU E 134 29.07 -24.82 -10.87
C GLU E 134 28.71 -25.32 -9.49
N GLU E 135 29.16 -24.60 -8.46
CA GLU E 135 28.78 -24.88 -7.08
C GLU E 135 28.66 -23.56 -6.36
N TYR E 136 27.49 -23.30 -5.78
CA TYR E 136 27.23 -22.04 -5.11
C TYR E 136 26.62 -22.31 -3.75
N GLU E 137 27.11 -21.63 -2.72
CA GLU E 137 26.59 -21.78 -1.37
C GLU E 137 26.45 -20.41 -0.72
N ASP E 138 25.24 -20.10 -0.27
CA ASP E 138 24.93 -18.89 0.47
C ASP E 138 24.58 -19.36 1.88
N LYS E 139 25.56 -19.30 2.78
CA LYS E 139 25.33 -19.70 4.17
C LYS E 139 24.50 -18.66 4.93
N GLU E 140 24.49 -17.40 4.45
CA GLU E 140 23.69 -16.37 5.10
C GLU E 140 22.20 -16.70 5.03
N THR E 141 21.66 -16.81 3.82
CA THR E 141 20.26 -17.13 3.64
C THR E 141 19.99 -18.64 3.66
N GLY E 142 20.98 -19.46 3.36
CA GLY E 142 20.80 -20.90 3.32
C GLY E 142 20.34 -21.41 1.98
N TYR E 143 21.10 -21.11 0.93
CA TYR E 143 20.73 -21.47 -0.44
C TYR E 143 21.94 -22.01 -1.16
N LYS E 144 21.91 -23.28 -1.56
CA LYS E 144 23.03 -23.87 -2.27
C LYS E 144 22.54 -24.58 -3.52
N TYR E 145 23.42 -24.68 -4.51
CA TYR E 145 23.12 -25.45 -5.69
C TYR E 145 24.40 -26.00 -6.31
N LYS E 146 24.27 -27.17 -6.92
CA LYS E 146 25.32 -27.81 -7.70
C LYS E 146 24.81 -28.04 -9.11
N LYS E 147 25.69 -27.84 -10.09
CA LYS E 147 25.29 -27.88 -11.49
C LYS E 147 26.42 -28.47 -12.30
N LYS E 148 26.08 -29.32 -13.26
CA LYS E 148 27.08 -29.90 -14.15
C LYS E 148 26.43 -30.18 -15.49
N VAL E 149 26.89 -29.49 -16.54
CA VAL E 149 26.37 -29.68 -17.88
C VAL E 149 27.53 -30.03 -18.80
N GLU E 150 27.24 -30.87 -19.80
CA GLU E 150 28.24 -31.29 -20.77
C GLU E 150 27.53 -31.50 -22.10
N ILE E 151 27.91 -30.71 -23.10
CA ILE E 151 27.27 -30.73 -24.41
C ILE E 151 28.36 -30.98 -25.46
N LYS E 152 28.11 -31.96 -26.33
CA LYS E 152 29.03 -32.29 -27.40
C LYS E 152 28.26 -32.47 -28.71
N SER F 2 -8.77 -20.08 -1.22
CA SER F 2 -8.25 -21.28 -0.58
C SER F 2 -7.46 -22.13 -1.56
N GLU F 3 -6.86 -23.21 -1.05
CA GLU F 3 -6.11 -24.11 -1.92
C GLU F 3 -7.02 -24.86 -2.88
N SER F 4 -8.29 -25.04 -2.49
CA SER F 4 -9.27 -25.64 -3.40
C SER F 4 -9.42 -24.82 -4.66
N LYS F 5 -9.39 -23.49 -4.54
CA LYS F 5 -9.43 -22.63 -5.70
C LYS F 5 -8.10 -22.63 -6.44
N LYS F 6 -6.99 -22.80 -5.72
CA LYS F 6 -5.68 -22.79 -6.35
C LYS F 6 -5.49 -24.01 -7.25
N LEU F 7 -5.95 -25.18 -6.79
CA LEU F 7 -5.86 -26.38 -7.62
C LEU F 7 -6.62 -26.22 -8.91
N ILE F 8 -7.72 -25.46 -8.91
CA ILE F 8 -8.49 -25.24 -10.13
C ILE F 8 -7.63 -24.52 -11.17
N GLU F 9 -7.00 -23.41 -10.78
CA GLU F 9 -6.15 -22.68 -11.71
C GLU F 9 -4.92 -23.49 -12.10
N GLU F 10 -4.39 -24.32 -11.20
CA GLU F 10 -3.25 -25.16 -11.56
C GLU F 10 -3.63 -26.17 -12.64
N ALA F 11 -4.73 -26.89 -12.42
CA ALA F 11 -5.23 -27.81 -13.43
C ALA F 11 -5.57 -27.08 -14.72
N LYS F 12 -6.03 -25.83 -14.62
CA LYS F 12 -6.33 -25.05 -15.81
C LYS F 12 -5.06 -24.75 -16.60
N LYS F 13 -3.98 -24.38 -15.91
CA LYS F 13 -2.72 -24.11 -16.61
C LYS F 13 -2.17 -25.39 -17.24
N GLU F 14 -2.25 -26.52 -16.54
CA GLU F 14 -1.78 -27.78 -17.13
C GLU F 14 -2.65 -28.16 -18.33
N PHE F 15 -3.95 -27.88 -18.25
CA PHE F 15 -4.86 -28.20 -19.33
C PHE F 15 -4.57 -27.35 -20.56
N ASP F 16 -4.32 -26.05 -20.36
CA ASP F 16 -3.96 -25.18 -21.47
C ASP F 16 -2.61 -25.57 -22.05
N LYS F 17 -1.69 -26.05 -21.21
CA LYS F 17 -0.41 -26.55 -21.72
C LYS F 17 -0.61 -27.76 -22.61
N GLN F 18 -1.45 -28.70 -22.19
CA GLN F 18 -1.75 -29.86 -23.03
C GLN F 18 -2.46 -29.43 -24.31
N LEU F 19 -3.31 -28.41 -24.23
CA LEU F 19 -3.96 -27.87 -25.42
C LEU F 19 -2.97 -27.18 -26.35
N ALA F 20 -1.86 -26.66 -25.82
CA ALA F 20 -0.89 -25.93 -26.62
C ALA F 20 0.04 -26.84 -27.41
N GLU F 21 0.17 -28.10 -27.02
CA GLU F 21 1.05 -29.03 -27.73
C GLU F 21 0.31 -29.84 -28.79
N GLY F 22 -0.97 -29.55 -29.02
CA GLY F 22 -1.72 -30.28 -30.02
C GLY F 22 -2.02 -31.71 -29.63
N LYS F 23 -2.31 -31.96 -28.36
CA LYS F 23 -2.57 -33.31 -27.89
C LYS F 23 -3.98 -33.75 -28.28
N LYS F 24 -4.08 -34.88 -28.96
CA LYS F 24 -5.39 -35.41 -29.33
C LYS F 24 -6.06 -36.09 -28.14
N GLU F 25 -5.28 -36.75 -27.29
CA GLU F 25 -5.78 -37.36 -26.06
C GLU F 25 -5.24 -36.56 -24.87
N ILE F 26 -6.14 -36.12 -24.00
CA ILE F 26 -5.78 -35.33 -22.83
C ILE F 26 -6.52 -35.91 -21.63
N ASP F 27 -5.75 -36.31 -20.61
CA ASP F 27 -6.28 -36.94 -19.41
C ASP F 27 -5.81 -36.12 -18.21
N ILE F 28 -6.70 -35.29 -17.68
CA ILE F 28 -6.39 -34.43 -16.53
C ILE F 28 -7.03 -35.03 -15.28
N GLU F 29 -6.32 -34.90 -14.16
CA GLU F 29 -6.81 -35.38 -12.88
C GLU F 29 -6.65 -34.28 -11.84
N ILE F 30 -7.75 -33.93 -11.17
CA ILE F 30 -7.77 -32.90 -10.15
C ILE F 30 -8.13 -33.56 -8.84
N GLU F 31 -7.17 -33.64 -7.93
CA GLU F 31 -7.34 -34.34 -6.66
C GLU F 31 -7.23 -33.35 -5.52
N TYR F 32 -8.22 -33.37 -4.62
CA TYR F 32 -8.27 -32.53 -3.44
C TYR F 32 -7.31 -33.08 -2.37
N PRO F 33 -6.63 -32.20 -1.63
CA PRO F 33 -5.70 -32.67 -0.60
C PRO F 33 -6.40 -33.53 0.45
N LYS F 34 -5.84 -34.71 0.68
CA LYS F 34 -6.42 -35.68 1.62
C LYS F 34 -6.40 -35.15 3.05
N TYR F 41 -15.16 -28.88 5.55
CA TYR F 41 -16.14 -29.43 4.63
C TYR F 41 -16.58 -28.38 3.62
N LYS F 42 -16.35 -27.11 3.96
CA LYS F 42 -16.77 -26.01 3.09
C LYS F 42 -15.93 -25.97 1.82
N GLU F 43 -14.61 -25.99 1.97
CA GLU F 43 -13.73 -25.89 0.82
C GLU F 43 -13.80 -27.13 -0.07
N ALA F 44 -14.19 -28.28 0.46
CA ALA F 44 -14.39 -29.45 -0.39
C ALA F 44 -15.61 -29.28 -1.29
N LEU F 45 -16.70 -28.74 -0.74
CA LEU F 45 -17.86 -28.44 -1.57
C LEU F 45 -17.52 -27.37 -2.62
N GLU F 46 -16.75 -26.36 -2.22
CA GLU F 46 -16.31 -25.36 -3.18
C GLU F 46 -15.44 -25.98 -4.27
N PHE F 47 -14.61 -26.95 -3.89
CA PHE F 47 -13.79 -27.67 -4.86
C PHE F 47 -14.66 -28.41 -5.87
N ILE F 48 -15.69 -29.10 -5.39
CA ILE F 48 -16.60 -29.81 -6.28
C ILE F 48 -17.30 -28.84 -7.23
N LYS F 49 -17.76 -27.70 -6.70
CA LYS F 49 -18.46 -26.71 -7.52
C LYS F 49 -17.55 -26.14 -8.61
N LEU F 50 -16.34 -25.74 -8.23
CA LEU F 50 -15.38 -25.23 -9.19
C LEU F 50 -15.01 -26.29 -10.22
N ASN F 51 -14.94 -27.56 -9.79
CA ASN F 51 -14.64 -28.63 -10.74
C ASN F 51 -15.76 -28.81 -11.75
N SER F 52 -17.01 -28.68 -11.32
CA SER F 52 -18.13 -28.78 -12.26
C SER F 52 -18.09 -27.65 -13.28
N GLU F 53 -17.87 -26.42 -12.80
CA GLU F 53 -17.80 -25.29 -13.71
C GLU F 53 -16.62 -25.41 -14.67
N LEU F 54 -15.49 -25.95 -14.18
CA LEU F 54 -14.33 -26.18 -15.04
C LEU F 54 -14.60 -27.29 -16.05
N ARG F 55 -15.40 -28.28 -15.67
CA ARG F 55 -15.81 -29.31 -16.62
C ARG F 55 -16.60 -28.69 -17.77
N VAL F 56 -17.51 -27.76 -17.44
CA VAL F 56 -18.23 -27.05 -18.50
C VAL F 56 -17.25 -26.31 -19.41
N GLU F 57 -16.36 -25.50 -18.81
CA GLU F 57 -15.34 -24.78 -19.55
C GLU F 57 -14.61 -25.70 -20.53
N TYR F 58 -14.15 -26.86 -20.03
CA TYR F 58 -13.25 -27.68 -20.82
C TYR F 58 -13.98 -28.56 -21.82
N VAL F 59 -15.23 -28.91 -21.56
CA VAL F 59 -16.04 -29.50 -22.63
C VAL F 59 -16.15 -28.54 -23.80
N LYS F 60 -16.44 -27.27 -23.51
CA LYS F 60 -16.49 -26.27 -24.57
C LYS F 60 -15.15 -26.16 -25.30
N LYS F 61 -14.06 -25.98 -24.54
CA LYS F 61 -12.75 -25.77 -25.14
C LYS F 61 -12.30 -26.98 -25.95
N SER F 62 -12.60 -28.19 -25.48
CA SER F 62 -12.19 -29.40 -26.17
C SER F 62 -13.02 -29.65 -27.42
N ARG F 63 -14.30 -29.27 -27.41
CA ARG F 63 -15.06 -29.36 -28.65
C ARG F 63 -14.53 -28.37 -29.68
N GLU F 64 -14.17 -27.17 -29.24
CA GLU F 64 -13.71 -26.15 -30.19
C GLU F 64 -12.26 -26.35 -30.63
N ALA F 65 -11.50 -27.21 -29.95
CA ALA F 65 -10.09 -27.40 -30.28
C ALA F 65 -9.83 -28.69 -31.06
N GLY F 66 -10.88 -29.44 -31.42
CA GLY F 66 -10.68 -30.68 -32.14
C GLY F 66 -10.13 -31.81 -31.30
N VAL F 67 -10.29 -31.74 -29.97
CA VAL F 67 -9.81 -32.81 -29.10
C VAL F 67 -10.62 -34.08 -29.37
N GLU F 68 -9.92 -35.20 -29.52
CA GLU F 68 -10.58 -36.45 -29.87
C GLU F 68 -10.97 -37.27 -28.65
N LYS F 69 -10.27 -37.12 -27.52
CA LYS F 69 -10.65 -37.78 -26.29
C LYS F 69 -10.39 -36.84 -25.11
N LEU F 70 -11.42 -36.63 -24.31
CA LEU F 70 -11.32 -35.82 -23.10
C LEU F 70 -11.64 -36.70 -21.89
N THR F 71 -10.80 -36.62 -20.87
CA THR F 71 -10.99 -37.37 -19.64
C THR F 71 -10.80 -36.42 -18.46
N ILE F 72 -11.86 -36.26 -17.66
CA ILE F 72 -11.84 -35.39 -16.49
C ILE F 72 -12.05 -36.26 -15.26
N LYS F 73 -11.15 -36.14 -14.28
CA LYS F 73 -11.20 -36.94 -13.07
C LYS F 73 -11.10 -36.02 -11.87
N THR F 74 -12.09 -36.10 -10.97
CA THR F 74 -12.13 -35.28 -9.76
C THR F 74 -12.25 -36.20 -8.55
N LYS F 75 -11.37 -36.01 -7.57
CA LYS F 75 -11.34 -36.79 -6.35
C LYS F 75 -11.29 -35.88 -5.13
N VAL F 76 -12.16 -36.16 -4.17
CA VAL F 76 -12.21 -35.46 -2.88
C VAL F 76 -12.38 -36.52 -1.80
N LYS F 77 -11.61 -36.42 -0.72
CA LYS F 77 -11.71 -37.37 0.38
C LYS F 77 -11.47 -36.64 1.69
N LEU F 78 -12.52 -36.47 2.48
CA LEU F 78 -12.45 -35.89 3.82
C LEU F 78 -12.73 -37.02 4.81
N GLU F 79 -11.69 -37.82 5.06
CA GLU F 79 -11.75 -38.95 5.99
C GLU F 79 -11.58 -38.59 7.47
N PRO F 80 -10.86 -37.53 7.86
CA PRO F 80 -10.58 -37.33 9.30
C PRO F 80 -11.85 -37.29 10.14
N THR F 81 -11.76 -37.87 11.33
CA THR F 81 -12.89 -37.95 12.24
C THR F 81 -13.14 -36.58 12.87
N GLU F 82 -14.11 -36.53 13.79
CA GLU F 82 -14.49 -35.29 14.45
C GLU F 82 -13.33 -34.66 15.21
N HIS F 86 -17.63 -34.74 9.31
CA HIS F 86 -18.35 -34.90 8.04
C HIS F 86 -17.53 -35.73 7.06
N LYS F 87 -17.88 -37.01 6.91
CA LYS F 87 -17.23 -37.86 5.93
C LYS F 87 -17.75 -37.52 4.54
N LEU F 88 -16.84 -37.17 3.62
CA LEU F 88 -17.22 -36.73 2.28
C LEU F 88 -16.21 -37.28 1.28
N ASP F 89 -16.63 -38.30 0.53
CA ASP F 89 -15.84 -38.84 -0.58
C ASP F 89 -16.59 -38.59 -1.88
N TYR F 90 -15.86 -38.09 -2.87
CA TYR F 90 -16.45 -37.71 -4.15
C TYR F 90 -15.47 -38.10 -5.25
N GLU F 91 -15.91 -38.93 -6.18
CA GLU F 91 -15.08 -39.35 -7.30
C GLU F 91 -15.91 -39.28 -8.56
N TYR F 92 -15.44 -38.52 -9.55
CA TYR F 92 -16.16 -38.35 -10.81
C TYR F 92 -15.17 -38.47 -11.95
N GLU F 93 -15.35 -39.49 -12.79
CA GLU F 93 -14.53 -39.68 -13.99
C GLU F 93 -15.43 -39.63 -15.21
N GLU F 94 -15.08 -38.77 -16.16
CA GLU F 94 -15.89 -38.53 -17.35
C GLU F 94 -15.00 -38.66 -18.59
N GLU F 95 -15.45 -39.47 -19.54
CA GLU F 95 -14.70 -39.75 -20.78
C GLU F 95 -15.61 -39.44 -21.96
N MET F 96 -15.15 -38.55 -22.83
CA MET F 96 -15.90 -38.13 -24.01
C MET F 96 -15.02 -38.25 -25.25
N SER F 97 -15.60 -38.73 -26.35
CA SER F 97 -14.93 -38.74 -27.62
C SER F 97 -15.14 -37.40 -28.33
N LYS F 98 -14.66 -37.29 -29.57
CA LYS F 98 -14.93 -36.08 -30.35
C LYS F 98 -16.42 -35.95 -30.65
N LYS F 99 -17.07 -37.07 -30.98
CA LYS F 99 -18.51 -37.05 -31.22
C LYS F 99 -19.28 -36.67 -29.96
N ALA F 100 -18.84 -37.18 -28.80
CA ALA F 100 -19.47 -36.81 -27.53
C ALA F 100 -19.29 -35.32 -27.25
N LEU F 101 -18.05 -34.83 -27.41
CA LEU F 101 -17.80 -33.40 -27.25
C LEU F 101 -18.66 -32.57 -28.19
N GLU F 102 -18.93 -33.07 -29.40
CA GLU F 102 -19.73 -32.35 -30.36
C GLU F 102 -21.20 -32.30 -29.92
N LYS F 103 -21.77 -33.45 -29.56
CA LYS F 103 -23.18 -33.54 -29.24
C LYS F 103 -23.52 -33.09 -27.82
N THR F 104 -22.53 -32.64 -27.04
CA THR F 104 -22.80 -32.26 -25.66
C THR F 104 -23.64 -30.98 -25.61
N ASP F 105 -24.81 -31.08 -24.99
CA ASP F 105 -25.64 -29.91 -24.73
C ASP F 105 -25.07 -29.19 -23.51
N GLU F 106 -24.38 -28.08 -23.75
CA GLU F 106 -23.73 -27.36 -22.66
C GLU F 106 -24.74 -26.89 -21.62
N LYS F 107 -25.93 -26.48 -22.07
CA LYS F 107 -26.99 -26.05 -21.15
C LYS F 107 -27.36 -27.16 -20.17
N GLU F 108 -27.79 -28.31 -20.71
CA GLU F 108 -28.20 -29.42 -19.84
C GLU F 108 -27.02 -29.98 -19.05
N TYR F 109 -25.81 -29.91 -19.60
CA TYR F 109 -24.61 -30.37 -18.89
C TYR F 109 -24.40 -29.55 -17.62
N LYS F 110 -24.34 -28.22 -17.77
CA LYS F 110 -24.20 -27.34 -16.61
C LYS F 110 -25.39 -27.47 -15.68
N GLU F 111 -26.59 -27.72 -16.22
CA GLU F 111 -27.78 -27.88 -15.38
C GLU F 111 -27.66 -29.11 -14.49
N LYS F 112 -27.30 -30.25 -15.08
CA LYS F 112 -27.10 -31.47 -14.30
C LYS F 112 -26.00 -31.30 -13.27
N LEU F 113 -24.89 -30.64 -13.66
CA LEU F 113 -23.79 -30.46 -12.71
C LEU F 113 -24.20 -29.59 -11.54
N GLU F 114 -24.94 -28.50 -11.80
CA GLU F 114 -25.35 -27.62 -10.72
C GLU F 114 -26.38 -28.30 -9.83
N LYS F 115 -27.26 -29.11 -10.40
CA LYS F 115 -28.21 -29.86 -9.57
C LYS F 115 -27.48 -30.87 -8.69
N GLU F 116 -26.47 -31.55 -9.25
CA GLU F 116 -25.68 -32.50 -8.46
C GLU F 116 -24.98 -31.79 -7.31
N TYR F 117 -24.34 -30.65 -7.59
CA TYR F 117 -23.66 -29.91 -6.53
C TYR F 117 -24.63 -29.44 -5.47
N LYS F 118 -25.81 -28.97 -5.88
CA LYS F 118 -26.78 -28.49 -4.90
C LYS F 118 -27.29 -29.63 -4.02
N LYS F 119 -27.52 -30.81 -4.61
CA LYS F 119 -27.94 -31.96 -3.82
C LYS F 119 -26.86 -32.35 -2.82
N ILE F 120 -25.60 -32.39 -3.28
CA ILE F 120 -24.50 -32.74 -2.37
C ILE F 120 -24.38 -31.73 -1.24
N GLU F 121 -24.47 -30.43 -1.57
CA GLU F 121 -24.33 -29.40 -0.55
C GLU F 121 -25.47 -29.46 0.46
N GLU F 122 -26.71 -29.66 0.00
CA GLU F 122 -27.82 -29.75 0.93
C GLU F 122 -27.69 -30.98 1.81
N THR F 123 -27.21 -32.10 1.26
CA THR F 123 -27.01 -33.30 2.07
C THR F 123 -25.95 -33.07 3.13
N VAL F 124 -24.88 -32.36 2.78
CA VAL F 124 -23.80 -32.12 3.73
C VAL F 124 -24.22 -31.14 4.82
N GLU F 125 -24.99 -30.10 4.44
CA GLU F 125 -25.35 -29.06 5.39
C GLU F 125 -26.35 -29.56 6.43
N SER F 126 -27.23 -30.47 6.05
CA SER F 126 -28.29 -30.94 6.94
C SER F 126 -27.90 -32.20 7.72
N ASN F 127 -26.64 -32.63 7.63
CA ASN F 127 -26.11 -33.77 8.39
C ASN F 127 -26.94 -35.03 8.13
N LYS F 128 -27.00 -35.43 6.87
CA LYS F 128 -27.67 -36.66 6.45
C LYS F 128 -26.64 -37.67 5.95
N ASP F 129 -27.12 -38.86 5.64
CA ASP F 129 -26.29 -39.93 5.08
C ASP F 129 -26.76 -40.23 3.67
N TYR F 130 -25.86 -40.14 2.70
CA TYR F 130 -26.20 -40.37 1.30
C TYR F 130 -24.99 -40.96 0.60
N GLU F 131 -25.07 -42.24 0.22
CA GLU F 131 -23.98 -42.93 -0.45
C GLU F 131 -24.52 -43.51 -1.75
N TYR F 132 -24.03 -43.00 -2.87
CA TYR F 132 -24.48 -43.49 -4.16
C TYR F 132 -23.29 -43.68 -5.10
N GLU F 133 -23.54 -44.41 -6.18
CA GLU F 133 -22.53 -44.71 -7.18
C GLU F 133 -23.25 -45.03 -8.48
N GLU F 134 -22.56 -44.80 -9.60
CA GLU F 134 -23.20 -44.97 -10.90
C GLU F 134 -22.14 -45.13 -11.97
N GLU F 135 -22.42 -46.02 -12.93
CA GLU F 135 -21.64 -46.17 -14.14
C GLU F 135 -22.58 -46.03 -15.32
N TYR F 136 -22.28 -45.11 -16.23
CA TYR F 136 -23.10 -44.86 -17.41
C TYR F 136 -22.23 -44.90 -18.65
N GLU F 137 -22.74 -45.50 -19.71
CA GLU F 137 -21.98 -45.64 -20.96
C GLU F 137 -22.93 -45.53 -22.14
N ASP F 138 -22.65 -44.57 -23.02
CA ASP F 138 -23.33 -44.42 -24.30
C ASP F 138 -22.28 -44.74 -25.36
N LYS F 139 -22.36 -45.97 -25.90
CA LYS F 139 -21.41 -46.42 -26.91
C LYS F 139 -21.66 -45.79 -28.27
N GLU F 140 -22.85 -45.23 -28.50
CA GLU F 140 -23.14 -44.59 -29.77
C GLU F 140 -22.38 -43.27 -29.91
N THR F 141 -22.61 -42.34 -28.99
CA THR F 141 -21.90 -41.07 -29.01
C THR F 141 -20.53 -41.15 -28.36
N GLY F 142 -20.22 -42.27 -27.68
CA GLY F 142 -18.94 -42.42 -27.02
C GLY F 142 -18.78 -41.53 -25.80
N TYR F 143 -19.70 -41.65 -24.85
CA TYR F 143 -19.68 -40.85 -23.63
C TYR F 143 -19.94 -41.75 -22.44
N LYS F 144 -18.95 -41.85 -21.55
CA LYS F 144 -19.08 -42.69 -20.37
C LYS F 144 -18.65 -41.92 -19.14
N TYR F 145 -19.17 -42.34 -17.99
CA TYR F 145 -18.72 -41.75 -16.73
C TYR F 145 -18.96 -42.73 -15.59
N LYS F 146 -18.15 -42.55 -14.55
CA LYS F 146 -18.22 -43.33 -13.32
C LYS F 146 -18.16 -42.37 -12.14
N LYS F 147 -19.19 -42.40 -11.29
CA LYS F 147 -19.27 -41.51 -10.15
C LYS F 147 -19.48 -42.33 -8.88
N LYS F 148 -18.83 -41.91 -7.80
CA LYS F 148 -18.95 -42.56 -6.50
C LYS F 148 -18.91 -41.48 -5.43
N VAL F 149 -20.03 -41.29 -4.73
CA VAL F 149 -20.15 -40.28 -3.69
C VAL F 149 -20.58 -40.96 -2.40
N GLU F 150 -20.00 -40.54 -1.29
CA GLU F 150 -20.33 -41.06 0.03
C GLU F 150 -20.32 -39.90 1.02
N ILE F 151 -21.47 -39.58 1.58
CA ILE F 151 -21.63 -38.49 2.54
C ILE F 151 -22.17 -39.09 3.83
N LYS F 152 -21.45 -38.86 4.93
CA LYS F 152 -21.88 -39.30 6.26
C LYS F 152 -21.80 -38.10 7.20
N GLY F 153 -22.95 -37.67 7.71
CA GLY F 153 -22.96 -36.58 8.68
C GLY F 153 -22.39 -37.01 10.01
N GLY F 154 -21.86 -36.03 10.74
CA GLY F 154 -21.25 -36.29 12.03
C GLY F 154 -22.23 -36.81 13.08
N SER G 2 28.06 1.14 -9.18
CA SER G 2 27.20 0.70 -10.28
C SER G 2 27.36 1.61 -11.49
N GLU G 3 27.16 1.06 -12.69
CA GLU G 3 27.31 1.85 -13.90
C GLU G 3 26.23 2.92 -14.01
N SER G 4 25.02 2.62 -13.53
CA SER G 4 23.98 3.65 -13.46
C SER G 4 24.36 4.73 -12.46
N LYS G 5 24.89 4.33 -11.30
CA LYS G 5 25.35 5.30 -10.32
C LYS G 5 26.58 6.06 -10.79
N LYS G 6 27.18 5.65 -11.91
CA LYS G 6 28.24 6.40 -12.55
C LYS G 6 27.71 7.43 -13.54
N LEU G 7 26.63 7.11 -14.26
CA LEU G 7 26.04 8.06 -15.20
C LEU G 7 25.25 9.14 -14.49
N ILE G 8 24.49 8.76 -13.46
CA ILE G 8 23.61 9.72 -12.79
C ILE G 8 24.41 10.83 -12.15
N GLU G 9 25.52 10.49 -11.48
CA GLU G 9 26.31 11.52 -10.81
C GLU G 9 27.11 12.36 -11.81
N GLU G 10 27.52 11.77 -12.94
CA GLU G 10 28.12 12.58 -13.99
C GLU G 10 27.14 13.61 -14.51
N ALA G 11 25.88 13.20 -14.72
CA ALA G 11 24.86 14.14 -15.15
C ALA G 11 24.60 15.20 -14.09
N LYS G 12 24.64 14.80 -12.81
CA LYS G 12 24.42 15.76 -11.72
C LYS G 12 25.54 16.79 -11.66
N LYS G 13 26.79 16.35 -11.80
CA LYS G 13 27.92 17.28 -11.81
C LYS G 13 27.85 18.20 -13.01
N GLU G 14 27.45 17.66 -14.17
CA GLU G 14 27.25 18.52 -15.34
C GLU G 14 26.18 19.56 -15.08
N PHE G 15 25.08 19.17 -14.43
CA PHE G 15 24.01 20.10 -14.10
C PHE G 15 24.51 21.21 -13.18
N ASP G 16 25.26 20.82 -12.14
CA ASP G 16 25.80 21.80 -11.21
C ASP G 16 26.77 22.74 -11.90
N LYS G 17 27.56 22.23 -12.84
CA LYS G 17 28.49 23.09 -13.58
C LYS G 17 27.75 24.05 -14.49
N GLN G 18 26.71 23.58 -15.18
CA GLN G 18 25.94 24.47 -16.05
C GLN G 18 25.23 25.54 -15.23
N LEU G 19 24.81 25.22 -14.01
CA LEU G 19 24.24 26.26 -13.15
C LEU G 19 25.32 27.21 -12.64
N ALA G 20 26.55 26.72 -12.45
CA ALA G 20 27.62 27.58 -11.96
C ALA G 20 28.00 28.64 -12.97
N GLU G 21 27.97 28.31 -14.26
CA GLU G 21 28.30 29.27 -15.30
C GLU G 21 27.20 30.30 -15.53
N GLY G 22 26.01 30.08 -14.97
CA GLY G 22 24.93 31.02 -15.15
C GLY G 22 24.12 30.81 -16.41
N LYS G 23 24.04 29.58 -16.89
CA LYS G 23 23.31 29.30 -18.12
C LYS G 23 21.81 29.40 -17.89
N LYS G 24 21.12 30.01 -18.86
CA LYS G 24 19.66 30.07 -18.83
C LYS G 24 19.01 28.92 -19.57
N GLU G 25 19.66 28.39 -20.60
CA GLU G 25 19.17 27.23 -21.35
C GLU G 25 20.13 26.08 -21.10
N ILE G 26 19.67 25.09 -20.34
CA ILE G 26 20.49 23.95 -19.92
C ILE G 26 19.87 22.68 -20.49
N ASP G 27 20.70 21.88 -21.16
CA ASP G 27 20.27 20.63 -21.78
C ASP G 27 20.95 19.47 -21.08
N ILE G 28 20.17 18.52 -20.59
CA ILE G 28 20.66 17.34 -19.90
C ILE G 28 20.08 16.11 -20.58
N GLU G 29 20.94 15.18 -20.98
CA GLU G 29 20.53 13.94 -21.63
C GLU G 29 21.27 12.79 -20.96
N ILE G 30 20.53 11.94 -20.25
CA ILE G 30 21.08 10.78 -19.56
C ILE G 30 20.65 9.54 -20.32
N GLU G 31 21.61 8.87 -20.95
CA GLU G 31 21.34 7.69 -21.78
C GLU G 31 22.04 6.48 -21.19
N TYR G 32 21.26 5.45 -20.87
CA TYR G 32 21.82 4.18 -20.41
C TYR G 32 22.40 3.41 -21.59
N PRO G 33 23.59 2.82 -21.44
CA PRO G 33 24.23 2.14 -22.57
C PRO G 33 23.36 1.01 -23.12
N LYS G 34 23.43 0.85 -24.43
CA LYS G 34 22.66 -0.19 -25.12
C LYS G 34 23.10 -1.57 -24.68
N LYS G 35 22.31 -2.20 -23.81
CA LYS G 35 22.60 -3.51 -23.27
C LYS G 35 21.44 -4.44 -23.55
N LYS G 36 21.58 -5.70 -23.11
CA LYS G 36 20.56 -6.71 -23.31
C LYS G 36 19.73 -6.88 -22.03
N TYR G 37 18.54 -7.47 -22.19
CA TYR G 37 17.57 -7.52 -21.11
C TYR G 37 17.97 -8.52 -20.03
N ASP G 38 18.73 -9.55 -20.38
CA ASP G 38 18.89 -10.70 -19.50
C ASP G 38 19.51 -10.33 -18.16
N GLU G 39 20.50 -9.43 -18.16
CA GLU G 39 21.26 -9.15 -16.96
C GLU G 39 21.08 -7.72 -16.43
N ASN G 40 20.55 -6.80 -17.23
CA ASN G 40 20.59 -5.39 -16.90
C ASN G 40 19.22 -4.81 -16.52
N TYR G 41 18.22 -5.65 -16.29
CA TYR G 41 16.87 -5.11 -16.06
C TYR G 41 16.76 -4.48 -14.67
N LYS G 42 17.34 -5.10 -13.65
CA LYS G 42 17.35 -4.51 -12.31
C LYS G 42 18.12 -3.19 -12.32
N GLU G 43 19.25 -3.16 -13.02
CA GLU G 43 20.04 -1.93 -13.09
C GLU G 43 19.31 -0.84 -13.86
N ALA G 44 18.53 -1.22 -14.88
CA ALA G 44 17.76 -0.22 -15.63
C ALA G 44 16.59 0.31 -14.81
N LEU G 45 15.96 -0.54 -14.00
CA LEU G 45 14.93 -0.07 -13.08
C LEU G 45 15.52 0.92 -12.07
N GLU G 46 16.68 0.59 -11.51
CA GLU G 46 17.35 1.53 -10.61
C GLU G 46 17.71 2.82 -11.35
N PHE G 47 18.08 2.72 -12.62
CA PHE G 47 18.41 3.89 -13.43
C PHE G 47 17.20 4.79 -13.61
N ILE G 48 16.02 4.20 -13.86
CA ILE G 48 14.81 4.99 -14.03
C ILE G 48 14.41 5.66 -12.71
N LYS G 49 14.52 4.92 -11.61
CA LYS G 49 14.22 5.50 -10.29
C LYS G 49 15.14 6.68 -10.01
N LEU G 50 16.44 6.52 -10.24
CA LEU G 50 17.40 7.59 -10.04
C LEU G 50 17.11 8.76 -10.98
N ASN G 51 16.65 8.46 -12.20
CA ASN G 51 16.31 9.51 -13.15
C ASN G 51 15.17 10.39 -12.64
N SER G 52 14.11 9.77 -12.13
CA SER G 52 13.00 10.55 -11.60
C SER G 52 13.41 11.34 -10.35
N GLU G 53 14.12 10.67 -9.44
CA GLU G 53 14.62 11.32 -8.23
C GLU G 53 15.55 12.48 -8.56
N LEU G 54 16.22 12.43 -9.71
CA LEU G 54 17.09 13.51 -10.13
C LEU G 54 16.33 14.60 -10.88
N ARG G 55 15.27 14.25 -11.60
CA ARG G 55 14.44 15.25 -12.25
C ARG G 55 13.78 16.18 -11.24
N VAL G 56 13.33 15.62 -10.12
CA VAL G 56 12.74 16.45 -9.07
C VAL G 56 13.72 17.54 -8.63
N GLU G 57 14.94 17.13 -8.27
CA GLU G 57 15.95 18.10 -7.84
C GLU G 57 16.39 19.00 -8.98
N TYR G 58 16.30 18.52 -10.23
CA TYR G 58 16.59 19.36 -11.38
C TYR G 58 15.64 20.54 -11.43
N VAL G 59 14.34 20.27 -11.30
CA VAL G 59 13.35 21.35 -11.29
C VAL G 59 13.59 22.29 -10.11
N LYS G 60 13.83 21.70 -8.93
CA LYS G 60 14.03 22.52 -7.73
C LYS G 60 15.23 23.45 -7.86
N LYS G 61 16.35 22.93 -8.38
CA LYS G 61 17.56 23.73 -8.54
C LYS G 61 17.46 24.69 -9.71
N SER G 62 16.68 24.36 -10.73
CA SER G 62 16.58 25.23 -11.90
C SER G 62 15.72 26.44 -11.61
N ARG G 63 14.64 26.28 -10.84
CA ARG G 63 13.85 27.46 -10.49
C ARG G 63 14.61 28.38 -9.55
N GLU G 64 15.52 27.83 -8.73
CA GLU G 64 16.32 28.66 -7.84
C GLU G 64 17.26 29.58 -8.60
N ALA G 65 17.71 29.15 -9.78
CA ALA G 65 18.55 30.00 -10.62
C ALA G 65 17.74 30.80 -11.64
N GLY G 66 16.44 30.55 -11.74
CA GLY G 66 15.61 31.26 -12.70
C GLY G 66 16.02 31.00 -14.15
N VAL G 67 16.31 29.75 -14.48
CA VAL G 67 16.71 29.41 -15.83
C VAL G 67 15.54 29.63 -16.78
N GLU G 68 15.87 30.03 -18.03
CA GLU G 68 14.83 30.34 -19.00
C GLU G 68 14.22 29.09 -19.61
N LYS G 69 15.04 28.07 -19.90
CA LYS G 69 14.54 26.82 -20.46
C LYS G 69 15.35 25.67 -19.90
N LEU G 70 14.64 24.61 -19.47
CA LEU G 70 15.26 23.40 -18.94
C LEU G 70 14.75 22.20 -19.71
N THR G 71 15.68 21.38 -20.21
CA THR G 71 15.33 20.19 -20.98
C THR G 71 16.03 18.99 -20.35
N ILE G 72 15.24 17.99 -19.98
CA ILE G 72 15.75 16.74 -19.41
C ILE G 72 15.28 15.60 -20.30
N LYS G 73 16.23 14.82 -20.81
CA LYS G 73 15.94 13.66 -21.64
C LYS G 73 16.62 12.44 -21.03
N THR G 74 15.88 11.35 -20.87
CA THR G 74 16.39 10.13 -20.29
C THR G 74 15.91 8.94 -21.12
N LYS G 75 16.84 8.12 -21.57
CA LYS G 75 16.54 7.02 -22.47
C LYS G 75 17.29 5.77 -22.02
N VAL G 76 16.56 4.66 -21.94
CA VAL G 76 17.17 3.35 -21.68
C VAL G 76 16.51 2.32 -22.58
N LYS G 77 17.33 1.47 -23.19
CA LYS G 77 16.83 0.45 -24.10
C LYS G 77 17.55 -0.86 -23.84
N LEU G 78 16.86 -1.79 -23.18
CA LEU G 78 17.30 -3.17 -23.07
C LEU G 78 16.63 -3.95 -24.20
N GLU G 79 17.44 -4.30 -25.22
CA GLU G 79 17.10 -5.01 -26.44
C GLU G 79 17.04 -6.52 -26.20
N PRO G 80 16.15 -7.21 -26.91
CA PRO G 80 15.98 -8.65 -26.68
C PRO G 80 17.14 -9.47 -27.21
N THR G 81 17.22 -10.69 -26.71
CA THR G 81 18.10 -11.70 -27.30
C THR G 81 17.36 -12.37 -28.45
N GLU G 82 18.02 -13.33 -29.10
CA GLU G 82 17.39 -14.01 -30.23
C GLU G 82 16.29 -14.96 -29.76
N ASN G 83 16.54 -15.68 -28.65
CA ASN G 83 15.59 -16.66 -28.13
C ASN G 83 14.67 -16.07 -27.07
N SER G 84 14.53 -14.74 -27.02
CA SER G 84 13.68 -14.11 -26.02
C SER G 84 12.98 -12.90 -26.62
N ASP G 85 11.79 -12.60 -26.11
CA ASP G 85 11.03 -11.42 -26.48
C ASP G 85 11.10 -10.34 -25.41
N HIS G 86 11.87 -10.56 -24.36
CA HIS G 86 12.05 -9.56 -23.30
C HIS G 86 12.62 -8.27 -23.87
N LYS G 87 11.97 -7.15 -23.57
CA LYS G 87 12.50 -5.86 -23.99
C LYS G 87 12.00 -4.77 -23.06
N LEU G 88 12.81 -3.73 -22.89
CA LEU G 88 12.50 -2.60 -22.03
C LEU G 88 12.94 -1.33 -22.74
N ASP G 89 11.99 -0.57 -23.27
CA ASP G 89 12.26 0.66 -23.98
C ASP G 89 11.62 1.81 -23.20
N TYR G 90 12.41 2.82 -22.86
CA TYR G 90 11.93 3.90 -22.00
C TYR G 90 12.56 5.20 -22.46
N GLU G 91 11.73 6.18 -22.80
CA GLU G 91 12.21 7.49 -23.26
C GLU G 91 11.34 8.57 -22.65
N TYR G 92 11.96 9.50 -21.93
CA TYR G 92 11.25 10.58 -21.24
C TYR G 92 11.94 11.88 -21.60
N GLU G 93 11.19 12.80 -22.21
CA GLU G 93 11.70 14.12 -22.58
C GLU G 93 10.81 15.19 -21.96
N GLU G 94 11.42 16.20 -21.36
CA GLU G 94 10.70 17.23 -20.63
C GLU G 94 11.33 18.58 -20.91
N GLU G 95 10.54 19.50 -21.46
CA GLU G 95 10.95 20.88 -21.68
C GLU G 95 10.10 21.80 -20.82
N MET G 96 10.74 22.63 -20.02
CA MET G 96 10.06 23.54 -19.12
C MET G 96 10.58 24.95 -19.33
N SER G 97 9.66 25.89 -19.54
CA SER G 97 10.02 27.29 -19.64
C SER G 97 10.26 27.87 -18.25
N LYS G 98 10.61 29.16 -18.20
CA LYS G 98 10.85 29.79 -16.91
C LYS G 98 9.55 29.89 -16.10
N LYS G 99 8.43 30.11 -16.77
CA LYS G 99 7.14 30.12 -16.07
C LYS G 99 6.77 28.72 -15.58
N ALA G 100 7.17 27.69 -16.33
CA ALA G 100 6.82 26.32 -15.94
C ALA G 100 7.48 25.92 -14.63
N LEU G 101 8.68 26.44 -14.36
CA LEU G 101 9.41 26.07 -13.15
C LEU G 101 8.86 26.76 -11.90
N GLU G 102 8.17 27.90 -12.05
CA GLU G 102 7.59 28.57 -10.89
C GLU G 102 6.33 27.88 -10.41
N LYS G 103 5.50 27.41 -11.34
CA LYS G 103 4.21 26.80 -11.02
C LYS G 103 4.28 25.28 -10.91
N THR G 104 5.48 24.71 -10.77
CA THR G 104 5.63 23.27 -10.61
C THR G 104 5.27 22.89 -9.18
N ASP G 105 4.17 22.16 -9.03
CA ASP G 105 3.79 21.62 -7.73
C ASP G 105 4.71 20.46 -7.40
N GLU G 106 5.74 20.72 -6.59
CA GLU G 106 6.77 19.71 -6.35
C GLU G 106 6.20 18.47 -5.68
N LYS G 107 5.22 18.65 -4.79
CA LYS G 107 4.59 17.52 -4.12
C LYS G 107 3.93 16.57 -5.13
N GLU G 108 3.02 17.11 -5.93
CA GLU G 108 2.33 16.28 -6.93
C GLU G 108 3.29 15.79 -8.00
N TYR G 109 4.36 16.55 -8.27
CA TYR G 109 5.37 16.11 -9.23
C TYR G 109 6.07 14.84 -8.74
N LYS G 110 6.56 14.85 -7.49
CA LYS G 110 7.15 13.66 -6.91
C LYS G 110 6.14 12.52 -6.85
N GLU G 111 4.89 12.82 -6.52
CA GLU G 111 3.87 11.78 -6.42
C GLU G 111 3.65 11.10 -7.77
N LYS G 112 3.53 11.90 -8.83
CA LYS G 112 3.34 11.36 -10.17
C LYS G 112 4.55 10.53 -10.61
N LEU G 113 5.75 11.07 -10.41
CA LEU G 113 6.95 10.35 -10.84
C LEU G 113 7.11 9.03 -10.09
N GLU G 114 6.89 9.04 -8.77
CA GLU G 114 7.02 7.82 -7.99
C GLU G 114 5.96 6.80 -8.36
N LYS G 115 4.72 7.23 -8.58
CA LYS G 115 3.67 6.29 -8.95
C LYS G 115 3.94 5.69 -10.32
N GLU G 116 4.44 6.49 -11.26
CA GLU G 116 4.76 5.98 -12.59
C GLU G 116 5.91 4.99 -12.53
N TYR G 117 6.95 5.29 -11.75
CA TYR G 117 8.04 4.35 -11.58
C TYR G 117 7.55 3.06 -10.92
N LYS G 118 6.63 3.17 -9.95
CA LYS G 118 6.11 1.98 -9.30
C LYS G 118 5.34 1.11 -10.28
N LYS G 119 4.54 1.73 -11.14
CA LYS G 119 3.80 0.95 -12.14
C LYS G 119 4.76 0.28 -13.12
N ILE G 120 5.80 1.01 -13.55
CA ILE G 120 6.79 0.42 -14.45
C ILE G 120 7.49 -0.76 -13.79
N GLU G 121 7.89 -0.61 -12.53
CA GLU G 121 8.57 -1.69 -11.82
C GLU G 121 7.64 -2.89 -11.63
N GLU G 122 6.38 -2.64 -11.30
CA GLU G 122 5.42 -3.74 -11.14
C GLU G 122 5.25 -4.49 -12.45
N THR G 123 5.13 -3.77 -13.57
CA THR G 123 4.93 -4.44 -14.85
C THR G 123 6.19 -5.20 -15.27
N VAL G 124 7.37 -4.67 -14.97
CA VAL G 124 8.61 -5.34 -15.33
C VAL G 124 8.77 -6.63 -14.52
N GLU G 125 8.57 -6.53 -13.20
CA GLU G 125 8.76 -7.70 -12.34
C GLU G 125 7.69 -8.76 -12.60
N SER G 126 6.51 -8.37 -13.06
CA SER G 126 5.44 -9.31 -13.31
C SER G 126 5.57 -10.01 -14.67
N ASN G 127 6.54 -9.61 -15.49
CA ASN G 127 6.78 -10.23 -16.80
C ASN G 127 5.57 -10.11 -17.70
N LYS G 128 4.93 -8.95 -17.68
CA LYS G 128 3.76 -8.66 -18.51
C LYS G 128 4.15 -7.69 -19.62
N ASP G 129 3.19 -7.45 -20.52
CA ASP G 129 3.37 -6.54 -21.64
C ASP G 129 2.59 -5.25 -21.38
N TYR G 130 3.27 -4.13 -21.55
CA TYR G 130 2.65 -2.82 -21.35
C TYR G 130 3.37 -1.81 -22.22
N GLU G 131 2.66 -1.22 -23.18
CA GLU G 131 3.23 -0.30 -24.14
C GLU G 131 2.38 0.95 -24.17
N TYR G 132 2.88 2.04 -23.59
CA TYR G 132 2.13 3.29 -23.59
C TYR G 132 3.02 4.44 -24.07
N GLU G 133 2.35 5.51 -24.47
CA GLU G 133 3.00 6.72 -24.94
C GLU G 133 2.10 7.89 -24.60
N GLU G 134 2.66 8.90 -23.94
CA GLU G 134 1.91 10.09 -23.56
C GLU G 134 2.64 11.34 -24.04
N GLU G 135 1.87 12.34 -24.44
CA GLU G 135 2.39 13.61 -24.93
C GLU G 135 1.53 14.72 -24.36
N TYR G 136 2.15 15.62 -23.60
CA TYR G 136 1.43 16.68 -22.91
C TYR G 136 2.08 18.02 -23.23
N GLU G 137 1.25 19.04 -23.42
CA GLU G 137 1.75 20.38 -23.71
C GLU G 137 0.82 21.40 -23.07
N ASP G 138 1.33 22.10 -22.06
CA ASP G 138 0.69 23.30 -21.52
C ASP G 138 1.28 24.49 -22.26
N LYS G 139 0.48 25.10 -23.13
CA LYS G 139 0.99 26.21 -23.95
C LYS G 139 0.99 27.52 -23.19
N GLU G 140 0.00 27.74 -22.33
CA GLU G 140 -0.03 28.97 -21.53
C GLU G 140 1.14 29.03 -20.58
N THR G 141 1.45 27.92 -19.91
CA THR G 141 2.58 27.90 -18.98
C THR G 141 3.90 27.66 -19.72
N GLY G 142 3.89 26.81 -20.74
CA GLY G 142 5.08 26.51 -21.51
C GLY G 142 5.79 25.25 -21.06
N TYR G 143 5.04 24.18 -20.83
CA TYR G 143 5.59 22.93 -20.30
C TYR G 143 5.20 21.78 -21.22
N LYS G 144 6.18 21.16 -21.86
CA LYS G 144 5.94 20.04 -22.75
C LYS G 144 6.66 18.82 -22.22
N TYR G 145 6.04 17.65 -22.43
CA TYR G 145 6.75 16.40 -22.13
C TYR G 145 6.21 15.27 -23.00
N LYS G 146 7.12 14.38 -23.35
CA LYS G 146 6.82 13.23 -24.20
C LYS G 146 7.45 11.98 -23.59
N LYS G 147 6.65 10.95 -23.38
CA LYS G 147 7.12 9.72 -22.75
C LYS G 147 6.66 8.53 -23.59
N LYS G 148 7.57 7.59 -23.82
CA LYS G 148 7.26 6.36 -24.52
C LYS G 148 7.88 5.20 -23.76
N VAL G 149 7.05 4.24 -23.37
CA VAL G 149 7.51 3.06 -22.64
C VAL G 149 6.93 1.81 -23.30
N GLU G 150 7.79 0.80 -23.47
CA GLU G 150 7.40 -0.50 -24.01
C GLU G 150 8.08 -1.57 -23.17
N ILE G 151 7.29 -2.36 -22.46
CA ILE G 151 7.79 -3.42 -21.59
C ILE G 151 7.22 -4.73 -22.09
N LYS G 152 8.10 -5.70 -22.39
CA LYS G 152 7.68 -7.00 -22.87
C LYS G 152 8.42 -8.09 -22.11
N GLY G 153 7.66 -9.03 -21.57
CA GLY G 153 8.22 -10.19 -20.88
C GLY G 153 7.69 -11.50 -21.42
N GLY G 154 8.58 -12.43 -21.73
CA GLY G 154 8.19 -13.72 -22.25
C GLY G 154 8.52 -13.90 -23.72
N SER H 2 -29.13 12.53 -18.98
CA SER H 2 -29.40 12.92 -20.37
C SER H 2 -29.47 11.69 -21.26
N GLU H 3 -29.20 11.89 -22.56
CA GLU H 3 -29.16 10.76 -23.48
C GLU H 3 -28.01 9.82 -23.15
N SER H 4 -26.95 10.33 -22.52
CA SER H 4 -25.86 9.47 -22.08
C SER H 4 -26.35 8.47 -21.04
N LYS H 5 -27.18 8.93 -20.10
CA LYS H 5 -27.76 8.02 -19.11
C LYS H 5 -28.63 6.97 -19.77
N LYS H 6 -29.41 7.35 -20.79
CA LYS H 6 -30.25 6.39 -21.49
C LYS H 6 -29.41 5.35 -22.21
N LEU H 7 -28.35 5.78 -22.88
CA LEU H 7 -27.48 4.85 -23.59
C LEU H 7 -26.72 3.95 -22.62
N ILE H 8 -26.43 4.44 -21.42
CA ILE H 8 -25.76 3.62 -20.41
C ILE H 8 -26.71 2.56 -19.86
N GLU H 9 -27.93 2.96 -19.51
CA GLU H 9 -28.85 2.01 -18.89
C GLU H 9 -29.44 1.04 -19.90
N GLU H 10 -29.51 1.42 -21.18
CA GLU H 10 -29.89 0.44 -22.20
C GLU H 10 -28.80 -0.63 -22.36
N ALA H 11 -27.53 -0.22 -22.30
CA ALA H 11 -26.44 -1.20 -22.30
C ALA H 11 -26.51 -2.07 -21.04
N LYS H 12 -26.88 -1.48 -19.90
CA LYS H 12 -27.07 -2.25 -18.68
C LYS H 12 -28.14 -3.32 -18.87
N LYS H 13 -29.29 -2.93 -19.43
CA LYS H 13 -30.37 -3.87 -19.65
C LYS H 13 -29.98 -4.96 -20.65
N GLU H 14 -29.25 -4.59 -21.69
CA GLU H 14 -28.78 -5.59 -22.64
C GLU H 14 -27.80 -6.55 -22.00
N PHE H 15 -26.93 -6.05 -21.12
CA PHE H 15 -26.02 -6.92 -20.39
C PHE H 15 -26.78 -7.90 -19.51
N ASP H 16 -27.77 -7.39 -18.78
CA ASP H 16 -28.57 -8.27 -17.91
C ASP H 16 -29.34 -9.30 -18.72
N LYS H 17 -29.88 -8.91 -19.88
CA LYS H 17 -30.62 -9.84 -20.72
C LYS H 17 -29.71 -10.92 -21.29
N GLN H 18 -28.56 -10.51 -21.84
CA GLN H 18 -27.62 -11.47 -22.40
C GLN H 18 -27.05 -12.40 -21.32
N LEU H 19 -26.99 -11.93 -20.07
CA LEU H 19 -26.58 -12.80 -18.99
C LEU H 19 -27.70 -13.74 -18.55
N ALA H 20 -28.96 -13.30 -18.70
CA ALA H 20 -30.09 -14.14 -18.30
C ALA H 20 -30.23 -15.37 -19.20
N GLU H 21 -29.83 -15.27 -20.46
CA GLU H 21 -29.91 -16.39 -21.38
C GLU H 21 -28.75 -17.37 -21.22
N GLY H 22 -27.95 -17.24 -20.16
CA GLY H 22 -26.87 -18.17 -19.91
C GLY H 22 -25.74 -18.07 -20.91
N LYS H 23 -25.55 -16.92 -21.55
CA LYS H 23 -24.47 -16.76 -22.50
C LYS H 23 -23.12 -16.76 -21.79
N LYS H 24 -22.13 -17.42 -22.40
CA LYS H 24 -20.83 -17.56 -21.77
C LYS H 24 -19.97 -16.32 -21.94
N GLU H 25 -19.89 -15.79 -23.17
CA GLU H 25 -19.06 -14.63 -23.46
C GLU H 25 -19.95 -13.45 -23.84
N ILE H 26 -19.69 -12.30 -23.22
CA ILE H 26 -20.46 -11.08 -23.44
C ILE H 26 -19.56 -10.08 -24.16
N ASP H 27 -20.09 -9.45 -25.21
CA ASP H 27 -19.37 -8.44 -25.98
C ASP H 27 -20.28 -7.23 -26.12
N ILE H 28 -19.95 -6.14 -25.40
CA ILE H 28 -20.76 -4.94 -25.36
C ILE H 28 -19.94 -3.77 -25.88
N GLU H 29 -20.60 -2.90 -26.66
CA GLU H 29 -19.98 -1.70 -27.21
C GLU H 29 -20.91 -0.52 -27.00
N ILE H 30 -20.39 0.53 -26.38
CA ILE H 30 -21.16 1.74 -26.09
C ILE H 30 -20.44 2.91 -26.76
N GLU H 31 -21.11 3.56 -27.71
CA GLU H 31 -20.52 4.63 -28.49
C GLU H 31 -21.34 5.90 -28.33
N TYR H 32 -20.70 6.95 -27.81
CA TYR H 32 -21.33 8.26 -27.78
C TYR H 32 -21.46 8.79 -29.21
N PRO H 33 -22.59 9.43 -29.54
CA PRO H 33 -22.79 9.88 -30.93
C PRO H 33 -21.76 10.94 -31.33
N LYS H 34 -21.35 10.89 -32.60
CA LYS H 34 -20.33 11.79 -33.11
C LYS H 34 -20.87 13.21 -33.17
N LYS H 35 -20.40 14.06 -32.25
CA LYS H 35 -20.85 15.45 -32.21
C LYS H 35 -19.65 16.40 -32.16
N LYS H 36 -19.79 17.50 -31.44
CA LYS H 36 -18.76 18.52 -31.33
C LYS H 36 -18.41 18.76 -29.86
N TYR H 37 -17.52 19.72 -29.63
CA TYR H 37 -16.82 19.86 -28.35
C TYR H 37 -17.49 20.85 -27.40
N ASP H 38 -17.57 22.12 -27.80
CA ASP H 38 -17.76 23.20 -26.84
C ASP H 38 -19.01 23.02 -25.98
N GLU H 39 -20.07 22.44 -26.52
CA GLU H 39 -21.28 22.25 -25.75
C GLU H 39 -21.42 20.85 -25.17
N ASN H 40 -20.94 19.83 -25.88
CA ASN H 40 -21.15 18.45 -25.47
C ASN H 40 -19.96 17.85 -24.73
N TYR H 41 -18.96 18.65 -24.35
CA TYR H 41 -17.83 18.08 -23.65
C TYR H 41 -18.17 17.73 -22.20
N LYS H 42 -19.05 18.50 -21.57
CA LYS H 42 -19.54 18.13 -20.24
C LYS H 42 -20.36 16.84 -20.31
N GLU H 43 -21.17 16.69 -21.36
CA GLU H 43 -21.92 15.46 -21.54
C GLU H 43 -21.00 14.28 -21.84
N ALA H 44 -19.91 14.52 -22.57
CA ALA H 44 -18.94 13.46 -22.83
C ALA H 44 -18.20 13.05 -21.57
N LEU H 45 -17.90 14.02 -20.70
CA LEU H 45 -17.30 13.70 -19.40
C LEU H 45 -18.27 12.89 -18.55
N GLU H 46 -19.55 13.27 -18.56
CA GLU H 46 -20.56 12.47 -17.85
C GLU H 46 -20.63 11.06 -18.41
N PHE H 47 -20.59 10.92 -19.75
CA PHE H 47 -20.61 9.62 -20.38
C PHE H 47 -19.41 8.78 -19.95
N ILE H 48 -18.22 9.39 -19.93
CA ILE H 48 -17.01 8.68 -19.55
C ILE H 48 -17.09 8.23 -18.10
N LYS H 49 -17.58 9.11 -17.21
CA LYS H 49 -17.69 8.76 -15.80
C LYS H 49 -18.70 7.63 -15.60
N LEU H 50 -19.84 7.69 -16.30
CA LEU H 50 -20.83 6.63 -16.17
C LEU H 50 -20.28 5.30 -16.68
N ASN H 51 -19.55 5.32 -17.79
CA ASN H 51 -18.95 4.09 -18.30
C ASN H 51 -17.90 3.55 -17.34
N SER H 52 -17.11 4.43 -16.73
CA SER H 52 -16.08 3.99 -15.79
C SER H 52 -16.72 3.37 -14.55
N GLU H 53 -17.81 3.97 -14.06
CA GLU H 53 -18.51 3.41 -12.92
C GLU H 53 -19.32 2.17 -13.28
N LEU H 54 -19.62 1.97 -14.56
CA LEU H 54 -20.35 0.79 -15.01
C LEU H 54 -19.44 -0.41 -15.27
N ARG H 55 -18.21 -0.16 -15.69
CA ARG H 55 -17.30 -1.28 -15.99
C ARG H 55 -16.99 -2.10 -14.75
N VAL H 56 -16.92 -1.46 -13.57
CA VAL H 56 -16.66 -2.21 -12.34
C VAL H 56 -17.80 -3.17 -12.04
N GLU H 57 -19.04 -2.69 -12.17
CA GLU H 57 -20.19 -3.57 -11.97
C GLU H 57 -20.27 -4.64 -13.04
N TYR H 58 -19.86 -4.33 -14.27
CA TYR H 58 -19.76 -5.34 -15.30
C TYR H 58 -18.81 -6.46 -14.88
N VAL H 59 -17.63 -6.09 -14.39
CA VAL H 59 -16.65 -7.08 -13.94
C VAL H 59 -17.23 -7.91 -12.80
N LYS H 60 -17.90 -7.27 -11.84
CA LYS H 60 -18.44 -8.00 -10.70
C LYS H 60 -19.51 -8.99 -11.14
N LYS H 61 -20.44 -8.54 -11.98
CA LYS H 61 -21.52 -9.41 -12.46
C LYS H 61 -20.98 -10.57 -13.28
N SER H 62 -20.01 -10.30 -14.16
CA SER H 62 -19.41 -11.38 -14.95
C SER H 62 -18.61 -12.32 -14.08
N ARG H 63 -18.09 -11.85 -12.95
CA ARG H 63 -17.37 -12.71 -12.02
C ARG H 63 -18.33 -13.65 -11.30
N GLU H 64 -19.39 -13.11 -10.71
CA GLU H 64 -20.30 -13.94 -9.93
C GLU H 64 -21.15 -14.86 -10.80
N ALA H 65 -21.34 -14.54 -12.07
CA ALA H 65 -22.17 -15.35 -12.96
C ALA H 65 -21.39 -16.40 -13.73
N GLY H 66 -20.07 -16.47 -13.54
CA GLY H 66 -19.26 -17.44 -14.26
C GLY H 66 -19.21 -17.18 -15.75
N VAL H 67 -18.73 -15.99 -16.12
CA VAL H 67 -18.63 -15.59 -17.52
C VAL H 67 -17.28 -16.01 -18.06
N GLU H 68 -17.30 -16.68 -19.22
CA GLU H 68 -16.05 -17.19 -19.81
C GLU H 68 -15.16 -16.06 -20.30
N LYS H 69 -15.74 -14.98 -20.83
CA LYS H 69 -14.96 -13.84 -21.27
C LYS H 69 -15.87 -12.64 -21.46
N LEU H 70 -15.38 -11.47 -21.04
CA LEU H 70 -16.12 -10.22 -21.13
C LEU H 70 -15.33 -9.22 -21.96
N THR H 71 -16.01 -8.56 -22.90
CA THR H 71 -15.43 -7.54 -23.74
C THR H 71 -16.23 -6.26 -23.56
N ILE H 72 -15.53 -5.18 -23.20
CA ILE H 72 -16.16 -3.90 -22.92
C ILE H 72 -15.49 -2.84 -23.80
N LYS H 73 -16.30 -2.13 -24.59
CA LYS H 73 -15.78 -1.11 -25.49
C LYS H 73 -16.54 0.19 -25.29
N THR H 74 -15.80 1.31 -25.33
CA THR H 74 -16.37 2.64 -25.19
C THR H 74 -15.69 3.55 -26.20
N LYS H 75 -16.49 4.35 -26.91
CA LYS H 75 -15.96 5.23 -27.95
C LYS H 75 -16.63 6.60 -27.86
N VAL H 76 -15.81 7.64 -27.76
CA VAL H 76 -16.26 9.03 -27.74
C VAL H 76 -15.39 9.81 -28.71
N LYS H 77 -16.02 10.58 -29.59
CA LYS H 77 -15.30 11.35 -30.59
C LYS H 77 -15.95 12.72 -30.72
N LEU H 78 -15.27 13.75 -30.21
CA LEU H 78 -15.66 15.14 -30.36
C LEU H 78 -14.59 15.80 -31.24
N GLU H 79 -14.94 16.05 -32.50
CA GLU H 79 -14.02 16.61 -33.48
C GLU H 79 -13.92 18.13 -33.33
N PRO H 80 -12.78 18.70 -33.67
CA PRO H 80 -12.68 20.17 -33.69
C PRO H 80 -13.29 20.74 -34.96
N THR H 81 -13.86 21.93 -34.82
CA THR H 81 -14.31 22.67 -35.99
C THR H 81 -13.10 23.05 -36.84
N GLU H 82 -13.37 23.50 -38.08
CA GLU H 82 -12.28 23.83 -38.98
C GLU H 82 -11.42 24.97 -38.45
N ASN H 83 -12.02 25.89 -37.69
CA ASN H 83 -11.29 26.99 -37.07
C ASN H 83 -11.37 26.84 -35.55
N SER H 84 -10.68 25.82 -35.04
CA SER H 84 -10.57 25.59 -33.60
C SER H 84 -9.49 24.55 -33.35
N ASP H 85 -9.54 23.89 -32.19
CA ASP H 85 -8.57 22.83 -31.89
C ASP H 85 -9.12 21.89 -30.81
N HIS H 86 -10.12 22.36 -30.07
CA HIS H 86 -10.72 21.56 -29.01
C HIS H 86 -11.20 20.22 -29.55
N LYS H 87 -10.64 19.15 -28.99
CA LYS H 87 -10.86 17.79 -29.48
C LYS H 87 -10.88 16.84 -28.30
N LEU H 88 -11.76 15.83 -28.37
CA LEU H 88 -11.88 14.85 -27.30
C LEU H 88 -12.13 13.48 -27.91
N ASP H 89 -11.06 12.69 -28.05
CA ASP H 89 -11.14 11.31 -28.48
C ASP H 89 -10.88 10.41 -27.29
N TYR H 90 -11.72 9.37 -27.13
CA TYR H 90 -11.60 8.46 -26.00
C TYR H 90 -12.11 7.09 -26.45
N GLU H 91 -11.19 6.18 -26.74
CA GLU H 91 -11.53 4.81 -27.08
C GLU H 91 -10.93 3.89 -26.02
N TYR H 92 -11.75 3.00 -25.46
CA TYR H 92 -11.33 2.15 -24.35
C TYR H 92 -11.91 0.76 -24.60
N GLU H 93 -11.04 -0.22 -24.84
CA GLU H 93 -11.46 -1.59 -25.10
C GLU H 93 -10.76 -2.53 -24.12
N GLU H 94 -11.51 -3.47 -23.57
CA GLU H 94 -10.99 -4.43 -22.60
C GLU H 94 -11.52 -5.82 -22.90
N GLU H 95 -10.63 -6.80 -22.91
CA GLU H 95 -10.99 -8.21 -22.99
C GLU H 95 -10.46 -8.90 -21.74
N MET H 96 -11.36 -9.59 -21.03
CA MET H 96 -11.04 -10.25 -19.77
C MET H 96 -11.60 -11.66 -19.81
N SER H 97 -10.72 -12.66 -19.83
CA SER H 97 -11.15 -14.05 -19.79
C SER H 97 -11.69 -14.37 -18.40
N LYS H 98 -12.12 -15.63 -18.21
CA LYS H 98 -12.62 -16.04 -16.90
C LYS H 98 -11.48 -16.11 -15.88
N LYS H 99 -10.34 -16.65 -16.30
CA LYS H 99 -9.14 -16.62 -15.47
C LYS H 99 -8.76 -15.19 -15.10
N ALA H 100 -8.97 -14.24 -16.02
CA ALA H 100 -8.70 -12.84 -15.71
C ALA H 100 -9.74 -12.28 -14.76
N LEU H 101 -11.03 -12.56 -15.03
CA LEU H 101 -12.10 -12.01 -14.21
C LEU H 101 -12.03 -12.51 -12.78
N GLU H 102 -11.52 -13.72 -12.56
CA GLU H 102 -11.46 -14.26 -11.22
C GLU H 102 -10.46 -13.51 -10.35
N LYS H 103 -9.27 -13.23 -10.89
CA LYS H 103 -8.23 -12.54 -10.14
C LYS H 103 -8.23 -11.03 -10.35
N THR H 104 -9.29 -10.48 -10.96
CA THR H 104 -9.37 -9.05 -11.16
C THR H 104 -9.58 -8.35 -9.81
N ASP H 105 -8.65 -7.49 -9.44
CA ASP H 105 -8.77 -6.70 -8.22
C ASP H 105 -9.76 -5.56 -8.49
N GLU H 106 -10.97 -5.68 -7.92
CA GLU H 106 -11.98 -4.65 -8.12
C GLU H 106 -11.53 -3.31 -7.53
N LYS H 107 -10.78 -3.35 -6.43
CA LYS H 107 -10.34 -2.12 -5.78
C LYS H 107 -9.42 -1.31 -6.70
N GLU H 108 -8.31 -1.91 -7.12
CA GLU H 108 -7.39 -1.21 -8.02
C GLU H 108 -8.04 -0.87 -9.34
N TYR H 109 -8.97 -1.71 -9.80
CA TYR H 109 -9.73 -1.39 -11.01
C TYR H 109 -10.48 -0.08 -10.86
N LYS H 110 -11.25 0.07 -9.78
CA LYS H 110 -11.97 1.31 -9.56
C LYS H 110 -11.02 2.48 -9.29
N GLU H 111 -9.86 2.20 -8.70
CA GLU H 111 -8.88 3.27 -8.47
C GLU H 111 -8.38 3.83 -9.79
N LYS H 112 -7.97 2.95 -10.70
CA LYS H 112 -7.53 3.39 -12.01
C LYS H 112 -8.64 4.12 -12.75
N LEU H 113 -9.86 3.57 -12.72
CA LEU H 113 -10.95 4.18 -13.46
C LEU H 113 -11.32 5.55 -12.89
N GLU H 114 -11.15 5.77 -11.59
CA GLU H 114 -11.47 7.07 -11.04
C GLU H 114 -10.36 8.08 -11.30
N LYS H 115 -9.09 7.66 -11.18
CA LYS H 115 -8.00 8.60 -11.38
C LYS H 115 -7.87 9.01 -12.84
N GLU H 116 -8.12 8.07 -13.77
CA GLU H 116 -8.06 8.41 -15.19
C GLU H 116 -9.12 9.45 -15.54
N TYR H 117 -10.34 9.28 -15.03
CA TYR H 117 -11.38 10.27 -15.28
C TYR H 117 -11.05 11.60 -14.63
N LYS H 118 -10.48 11.58 -13.42
CA LYS H 118 -10.05 12.81 -12.79
C LYS H 118 -9.08 13.59 -13.68
N LYS H 119 -8.05 12.90 -14.18
CA LYS H 119 -7.07 13.56 -15.03
C LYS H 119 -7.69 14.04 -16.34
N ILE H 120 -8.57 13.23 -16.93
CA ILE H 120 -9.22 13.60 -18.18
C ILE H 120 -10.04 14.88 -18.00
N GLU H 121 -10.85 14.92 -16.95
CA GLU H 121 -11.68 16.09 -16.71
C GLU H 121 -10.84 17.33 -16.41
N GLU H 122 -9.79 17.16 -15.60
CA GLU H 122 -8.94 18.30 -15.27
C GLU H 122 -8.23 18.85 -16.49
N THR H 123 -7.81 17.98 -17.41
CA THR H 123 -7.14 18.45 -18.62
C THR H 123 -8.13 19.06 -19.60
N VAL H 124 -9.34 18.49 -19.70
CA VAL H 124 -10.36 19.03 -20.59
C VAL H 124 -10.78 20.43 -20.15
N GLU H 125 -10.96 20.64 -18.85
CA GLU H 125 -11.41 21.94 -18.37
C GLU H 125 -10.31 22.99 -18.46
N SER H 126 -9.05 22.59 -18.31
CA SER H 126 -7.95 23.54 -18.24
C SER H 126 -7.48 24.05 -19.60
N ASN H 127 -8.08 23.56 -20.70
CA ASN H 127 -7.71 23.99 -22.05
C ASN H 127 -6.23 23.70 -22.34
N LYS H 128 -5.83 22.47 -22.06
CA LYS H 128 -4.46 22.01 -22.28
C LYS H 128 -4.48 20.77 -23.16
N ASP H 129 -3.30 20.40 -23.66
CA ASP H 129 -3.14 19.28 -24.59
C ASP H 129 -2.61 18.07 -23.85
N TYR H 130 -3.22 16.90 -24.13
CA TYR H 130 -2.79 15.65 -23.49
C TYR H 130 -3.28 14.49 -24.33
N GLU H 131 -2.36 13.70 -24.87
CA GLU H 131 -2.70 12.56 -25.70
C GLU H 131 -1.89 11.36 -25.24
N TYR H 132 -2.57 10.24 -24.98
CA TYR H 132 -1.87 9.04 -24.57
C TYR H 132 -2.60 7.79 -25.06
N GLU H 133 -1.82 6.80 -25.46
CA GLU H 133 -2.34 5.50 -25.89
C GLU H 133 -1.62 4.41 -25.12
N GLU H 134 -2.38 3.40 -24.70
CA GLU H 134 -1.87 2.32 -23.87
C GLU H 134 -2.32 0.98 -24.46
N GLU H 135 -1.39 0.04 -24.55
CA GLU H 135 -1.68 -1.34 -24.95
C GLU H 135 -1.11 -2.26 -23.88
N TYR H 136 -1.99 -2.89 -23.10
CA TYR H 136 -1.57 -3.76 -22.03
C TYR H 136 -2.07 -5.18 -22.29
N GLU H 137 -1.20 -6.16 -22.04
CA GLU H 137 -1.54 -7.56 -22.22
C GLU H 137 -0.96 -8.37 -21.06
N ASP H 138 -1.80 -9.20 -20.45
CA ASP H 138 -1.43 -10.10 -19.37
C ASP H 138 -1.79 -11.50 -19.85
N LYS H 139 -0.79 -12.22 -20.37
CA LYS H 139 -1.01 -13.58 -20.85
C LYS H 139 -1.13 -14.58 -19.70
N GLU H 140 -0.64 -14.22 -18.51
CA GLU H 140 -0.74 -15.11 -17.36
C GLU H 140 -2.20 -15.33 -16.97
N THR H 141 -2.99 -14.24 -16.92
CA THR H 141 -4.39 -14.32 -16.55
C THR H 141 -5.32 -14.17 -17.76
N GLY H 142 -4.80 -13.74 -18.91
CA GLY H 142 -5.63 -13.52 -20.07
C GLY H 142 -6.45 -12.25 -20.01
N TYR H 143 -5.77 -11.12 -19.81
CA TYR H 143 -6.44 -9.82 -19.67
C TYR H 143 -5.72 -8.79 -20.51
N LYS H 144 -6.39 -8.24 -21.51
CA LYS H 144 -5.79 -7.24 -22.37
C LYS H 144 -6.69 -6.01 -22.44
N TYR H 145 -6.07 -4.87 -22.70
CA TYR H 145 -6.85 -3.65 -22.94
C TYR H 145 -6.05 -2.70 -23.83
N LYS H 146 -6.79 -1.87 -24.56
CA LYS H 146 -6.23 -0.82 -25.40
C LYS H 146 -7.02 0.46 -25.16
N LYS H 147 -6.30 1.53 -24.83
CA LYS H 147 -6.91 2.83 -24.60
C LYS H 147 -6.23 3.87 -25.48
N LYS H 148 -7.01 4.83 -25.96
CA LYS H 148 -6.50 5.94 -26.75
C LYS H 148 -7.28 7.19 -26.37
N VAL H 149 -6.60 8.17 -25.78
CA VAL H 149 -7.22 9.42 -25.36
C VAL H 149 -6.46 10.57 -26.01
N GLU H 150 -7.21 11.54 -26.50
CA GLU H 150 -6.65 12.70 -27.20
C GLU H 150 -7.47 13.92 -26.80
N ILE H 151 -6.87 14.82 -26.02
CA ILE H 151 -7.55 15.99 -25.50
C ILE H 151 -6.79 17.22 -25.99
N LYS H 152 -7.50 18.13 -26.67
CA LYS H 152 -6.87 19.32 -27.19
C LYS H 152 -7.65 20.57 -26.79
N GLY H 153 -7.24 21.73 -27.30
CA GLY H 153 -7.92 22.98 -27.00
C GLY H 153 -7.47 24.13 -27.87
#